data_4K3Q
#
_entry.id   4K3Q
#
_cell.length_a   79.876
_cell.length_b   67.229
_cell.length_c   81.192
_cell.angle_alpha   90.000
_cell.angle_beta   113.950
_cell.angle_gamma   90.000
#
_symmetry.space_group_name_H-M   'P 1 21 1'
#
loop_
_entity.id
_entity.type
_entity.pdbx_description
1 polymer 'DNA polymerase III subunit beta'
2 polymer (ACE)QLDAF
3 non-polymer DI(HYDROXYETHYL)ETHER
4 non-polymer 'CALCIUM ION'
5 non-polymer 'TRIETHYLENE GLYCOL'
6 non-polymer 'TETRAETHYLENE GLYCOL'
7 water water
#
loop_
_entity_poly.entity_id
_entity_poly.type
_entity_poly.pdbx_seq_one_letter_code
_entity_poly.pdbx_strand_id
1 'polypeptide(L)'
;MKFTVEREHLLKPLQQVSGPLGGRPTLPILGNLLLQVADGTLSLTGTDLEMEMVARVALVQPHEPGATTVPARKFFDICR
GLPEGAEIAVQLEGERMLVRSGRSRFSLSTLPAADFPNLDDWQSEVEFTLPQATMKRLIEATQFSMAHQDVRYYLNGMLF
ETEGEELRTVATDGHRLAVCSMPIGQSLPSHSVIVPRKGVIELMRMLDGGDNPLRVQIGSNNIRAHVGDFIFTSKLVDGR
FPDYRRVLPKNPDKHLEAGCDLLKQAFARAAILSNEKFRGVRLYVSENQLKITANNPEQEEAEEILDVTYSGAEMEIGFN
VSYVLDVLNALKCENVRMMLTDSVSSVQIEDAASQSAAYVVMPMRL
;
A,B
2 'polypeptide(L)' (ACE)QLDAF E
#
# COMPACT_ATOMS: atom_id res chain seq x y z
N MET A 1 15.10 36.09 11.01
CA MET A 1 15.65 34.80 10.50
C MET A 1 15.45 34.73 9.00
N LYS A 2 16.53 34.51 8.25
CA LYS A 2 16.48 34.40 6.79
C LYS A 2 17.49 33.37 6.29
N PHE A 3 17.07 32.54 5.34
CA PHE A 3 17.99 31.64 4.66
C PHE A 3 17.49 31.32 3.26
N THR A 4 18.43 31.06 2.36
CA THR A 4 18.12 30.61 1.02
C THR A 4 18.91 29.35 0.79
N VAL A 5 18.20 28.24 0.56
CA VAL A 5 18.83 26.93 0.38
C VAL A 5 18.27 26.20 -0.83
N GLU A 6 19.08 25.30 -1.38
CA GLU A 6 18.63 24.44 -2.47
C GLU A 6 17.66 23.40 -1.92
N ARG A 7 16.60 23.13 -2.69
CA ARG A 7 15.58 22.15 -2.30
C ARG A 7 16.22 20.83 -1.92
N GLU A 8 17.21 20.43 -2.72
CA GLU A 8 17.91 19.17 -2.57
C GLU A 8 18.62 19.02 -1.22
N HIS A 9 18.95 20.13 -0.57
CA HIS A 9 19.62 20.12 0.72
C HIS A 9 18.64 20.14 1.89
N LEU A 10 17.40 20.53 1.62
CA LEU A 10 16.36 20.57 2.64
C LEU A 10 15.55 19.28 2.76
N LEU A 11 15.33 18.63 1.63
CA LEU A 11 14.39 17.51 1.54
C LEU A 11 14.65 16.36 2.51
N LYS A 12 15.84 15.76 2.42
CA LYS A 12 16.19 14.65 3.32
C LYS A 12 16.11 15.07 4.80
N PRO A 13 16.74 16.20 5.20
CA PRO A 13 16.57 16.68 6.58
C PRO A 13 15.11 16.84 7.02
N LEU A 14 14.28 17.48 6.19
CA LEU A 14 12.86 17.65 6.50
C LEU A 14 12.11 16.34 6.67
N GLN A 15 12.34 15.39 5.77
CA GLN A 15 11.78 14.05 5.88
C GLN A 15 12.18 13.37 7.19
N GLN A 16 13.45 13.47 7.56
CA GLN A 16 13.97 12.82 8.76
C GLN A 16 13.37 13.40 10.03
N VAL A 17 13.29 14.72 10.11
CA VAL A 17 12.76 15.35 11.33
C VAL A 17 11.23 15.34 11.41
N SER A 18 10.58 15.22 10.25
CA SER A 18 9.11 15.23 10.15
C SER A 18 8.46 13.92 10.59
N GLY A 19 9.25 12.85 10.63
CA GLY A 19 8.78 11.55 11.09
C GLY A 19 8.36 11.51 12.54
N LEU A 27 -1.30 18.87 22.00
CA LEU A 27 -0.39 20.01 22.12
C LEU A 27 0.15 20.35 20.73
N PRO A 28 -0.43 21.39 20.09
CA PRO A 28 -0.14 21.73 18.69
C PRO A 28 1.34 21.89 18.34
N ILE A 29 2.14 22.45 19.25
CA ILE A 29 3.53 22.74 18.91
C ILE A 29 4.34 21.48 18.57
N LEU A 30 3.86 20.32 19.00
CA LEU A 30 4.53 19.04 18.67
C LEU A 30 4.38 18.71 17.19
N GLY A 31 3.46 19.40 16.53
CA GLY A 31 3.23 19.26 15.10
C GLY A 31 4.08 20.21 14.28
N ASN A 32 4.88 21.04 14.97
CA ASN A 32 5.77 21.99 14.32
C ASN A 32 7.23 21.55 14.35
N LEU A 33 8.02 22.07 13.42
CA LEU A 33 9.47 21.91 13.45
C LEU A 33 10.09 23.20 14.00
N LEU A 34 11.09 23.06 14.86
CA LEU A 34 11.88 24.20 15.29
C LEU A 34 12.96 24.45 14.23
N LEU A 35 13.01 25.69 13.73
CA LEU A 35 14.03 26.13 12.80
C LEU A 35 14.92 27.18 13.47
N GLN A 36 16.23 26.98 13.41
CA GLN A 36 17.16 27.93 14.02
C GLN A 36 18.28 28.22 13.05
N VAL A 37 18.52 29.49 12.77
CA VAL A 37 19.69 29.88 12.00
C VAL A 37 20.68 30.47 13.00
N ALA A 38 21.85 29.85 13.10
CA ALA A 38 22.88 30.26 14.05
C ALA A 38 24.23 29.81 13.51
N ASP A 39 25.22 30.69 13.60
CA ASP A 39 26.59 30.41 13.14
C ASP A 39 26.69 29.68 11.79
N GLY A 40 26.08 30.22 10.76
CA GLY A 40 26.16 29.59 9.42
C GLY A 40 25.49 28.23 9.24
N THR A 41 24.65 27.84 10.18
CA THR A 41 23.97 26.54 10.14
C THR A 41 22.47 26.73 10.34
N LEU A 42 21.68 26.01 9.55
CA LEU A 42 20.26 25.84 9.83
C LEU A 42 20.05 24.53 10.56
N SER A 43 19.42 24.60 11.73
CA SER A 43 19.07 23.41 12.48
C SER A 43 17.57 23.22 12.44
N LEU A 44 17.16 21.98 12.22
CA LEU A 44 15.75 21.61 12.16
C LEU A 44 15.50 20.55 13.21
N THR A 45 14.53 20.79 14.09
CA THR A 45 14.25 19.84 15.16
C THR A 45 12.77 19.45 15.18
N GLY A 46 12.53 18.14 15.30
CA GLY A 46 11.18 17.59 15.57
C GLY A 46 11.20 16.76 16.85
N THR A 47 10.09 16.80 17.61
CA THR A 47 9.97 16.04 18.86
C THR A 47 8.53 15.56 19.14
N ASP A 48 8.41 14.49 19.93
CA ASP A 48 7.11 14.11 20.54
C ASP A 48 7.20 14.04 22.07
N LEU A 49 8.20 14.70 22.64
CA LEU A 49 8.54 14.64 24.08
C LEU A 49 9.25 13.34 24.53
N GLU A 50 9.10 12.26 23.76
CA GLU A 50 9.75 10.99 24.09
C GLU A 50 11.07 10.88 23.34
N MET A 51 11.09 11.38 22.11
CA MET A 51 12.27 11.35 21.28
C MET A 51 12.41 12.62 20.47
N GLU A 52 13.59 12.82 19.88
CA GLU A 52 13.92 14.05 19.19
C GLU A 52 14.87 13.76 18.04
N MET A 53 14.62 14.40 16.90
CA MET A 53 15.54 14.35 15.76
CA MET A 53 15.49 14.34 15.74
C MET A 53 15.99 15.75 15.39
N VAL A 54 17.29 15.93 15.28
CA VAL A 54 17.88 17.22 14.93
C VAL A 54 18.75 17.04 13.69
N ALA A 55 18.53 17.89 12.69
CA ALA A 55 19.34 17.87 11.48
C ALA A 55 20.01 19.22 11.31
N ARG A 56 21.29 19.21 10.91
CA ARG A 56 22.06 20.43 10.64
C ARG A 56 22.35 20.58 9.16
N VAL A 57 22.14 21.78 8.64
CA VAL A 57 22.35 22.10 7.24
C VAL A 57 23.23 23.34 7.14
N ALA A 58 24.39 23.22 6.48
CA ALA A 58 25.28 24.36 6.26
C ALA A 58 24.64 25.40 5.34
N LEU A 59 24.78 26.67 5.71
CA LEU A 59 24.25 27.76 4.91
C LEU A 59 25.37 28.46 4.17
N VAL A 60 25.49 28.18 2.87
CA VAL A 60 26.53 28.80 2.02
C VAL A 60 26.08 30.14 1.41
N GLN A 61 24.78 30.37 1.38
CA GLN A 61 24.25 31.64 0.89
C GLN A 61 24.02 32.59 2.05
N PRO A 62 23.92 33.90 1.78
CA PRO A 62 23.65 34.91 2.81
C PRO A 62 22.45 34.54 3.67
N HIS A 63 22.57 34.75 4.97
CA HIS A 63 21.54 34.34 5.91
C HIS A 63 21.57 35.26 7.10
N GLU A 64 20.49 35.22 7.88
CA GLU A 64 20.33 36.03 9.08
C GLU A 64 19.84 35.14 10.22
N PRO A 65 20.40 35.34 11.44
CA PRO A 65 20.08 34.49 12.59
C PRO A 65 18.67 34.70 13.14
N GLY A 66 18.17 33.69 13.82
CA GLY A 66 16.87 33.74 14.50
C GLY A 66 16.23 32.36 14.50
N ALA A 67 15.12 32.23 15.21
CA ALA A 67 14.46 30.94 15.34
C ALA A 67 12.94 31.09 15.35
N THR A 68 12.27 30.06 14.85
CA THR A 68 10.81 29.98 14.87
C THR A 68 10.39 28.52 14.78
N THR A 69 9.09 28.26 14.87
CA THR A 69 8.58 26.92 14.60
C THR A 69 7.47 27.04 13.57
N VAL A 70 7.35 26.01 12.73
CA VAL A 70 6.37 26.01 11.64
CA VAL A 70 6.42 26.02 11.61
C VAL A 70 5.78 24.63 11.49
N PRO A 71 4.52 24.54 10.98
CA PRO A 71 3.89 23.23 10.80
C PRO A 71 4.74 22.29 9.94
N ALA A 72 5.09 21.15 10.52
CA ALA A 72 6.07 20.25 9.92
C ALA A 72 5.59 19.65 8.60
N ARG A 73 4.41 19.04 8.61
CA ARG A 73 3.91 18.38 7.41
C ARG A 73 3.72 19.38 6.26
N LYS A 74 3.10 20.53 6.55
CA LYS A 74 2.92 21.56 5.54
C LYS A 74 4.22 22.06 4.93
N PHE A 75 5.21 22.35 5.78
CA PHE A 75 6.49 22.84 5.30
C PHE A 75 7.17 21.78 4.40
N PHE A 76 7.17 20.55 4.88
CA PHE A 76 7.72 19.44 4.09
C PHE A 76 7.00 19.27 2.75
N ASP A 77 5.67 19.23 2.78
CA ASP A 77 4.87 19.05 1.56
C ASP A 77 5.09 20.16 0.54
N ILE A 78 5.24 21.40 1.02
CA ILE A 78 5.56 22.52 0.14
C ILE A 78 6.93 22.30 -0.51
N CYS A 79 7.93 21.97 0.30
CA CYS A 79 9.29 21.80 -0.22
C CYS A 79 9.38 20.64 -1.21
N ARG A 80 8.74 19.52 -0.88
CA ARG A 80 8.74 18.34 -1.75
C ARG A 80 7.99 18.64 -3.04
N GLY A 81 6.94 19.47 -2.94
CA GLY A 81 6.11 19.83 -4.09
C GLY A 81 6.76 20.73 -5.12
N LEU A 82 7.80 21.45 -4.71
CA LEU A 82 8.55 22.31 -5.60
C LEU A 82 9.41 21.49 -6.59
N PRO A 83 9.75 22.07 -7.75
CA PRO A 83 10.45 21.33 -8.80
C PRO A 83 11.89 20.97 -8.45
N GLU A 84 12.42 19.91 -9.06
CA GLU A 84 13.83 19.57 -8.87
C GLU A 84 14.70 20.78 -9.19
N GLY A 85 15.72 20.99 -8.36
CA GLY A 85 16.62 22.10 -8.54
C GLY A 85 16.13 23.46 -8.06
N ALA A 86 14.99 23.47 -7.36
CA ALA A 86 14.44 24.74 -6.84
C ALA A 86 15.33 25.30 -5.75
N GLU A 87 15.42 26.62 -5.68
CA GLU A 87 16.02 27.34 -4.55
C GLU A 87 14.88 27.80 -3.67
N ILE A 88 15.03 27.62 -2.36
CA ILE A 88 13.97 27.97 -1.41
C ILE A 88 14.42 29.07 -0.46
N ALA A 89 13.84 30.26 -0.63
CA ALA A 89 14.14 31.40 0.23
C ALA A 89 13.11 31.49 1.34
N VAL A 90 13.59 31.61 2.57
CA VAL A 90 12.73 31.59 3.75
C VAL A 90 13.05 32.83 4.58
N GLN A 91 12.00 33.51 5.04
CA GLN A 91 12.17 34.60 5.99
C GLN A 91 11.00 34.75 6.95
N LEU A 92 11.31 35.08 8.19
CA LEU A 92 10.31 35.29 9.20
C LEU A 92 9.83 36.73 9.02
N GLU A 93 8.54 36.91 8.75
CA GLU A 93 7.98 38.26 8.65
C GLU A 93 6.74 38.37 9.51
N GLY A 94 6.85 39.17 10.57
CA GLY A 94 5.80 39.28 11.59
C GLY A 94 5.70 37.96 12.32
N GLU A 95 4.48 37.43 12.37
CA GLU A 95 4.22 36.14 12.97
C GLU A 95 4.07 35.03 11.93
N ARG A 96 4.44 35.33 10.69
CA ARG A 96 4.35 34.41 9.56
CA ARG A 96 4.37 34.36 9.62
C ARG A 96 5.74 34.02 9.06
N MET A 97 5.86 32.80 8.53
CA MET A 97 7.09 32.43 7.84
C MET A 97 6.81 32.40 6.34
N LEU A 98 7.55 33.21 5.61
CA LEU A 98 7.42 33.32 4.15
C LEU A 98 8.37 32.32 3.49
N VAL A 99 7.82 31.55 2.54
CA VAL A 99 8.59 30.59 1.76
C VAL A 99 8.43 30.99 0.30
N ARG A 100 9.55 31.23 -0.38
CA ARG A 100 9.53 31.65 -1.78
C ARG A 100 10.45 30.81 -2.65
N SER A 101 9.95 30.37 -3.79
CA SER A 101 10.78 29.65 -4.77
C SER A 101 10.16 29.89 -6.15
N GLY A 102 10.96 30.42 -7.09
CA GLY A 102 10.44 30.75 -8.42
C GLY A 102 9.39 31.83 -8.28
N ARG A 103 8.19 31.56 -8.78
CA ARG A 103 7.04 32.40 -8.50
C ARG A 103 5.99 31.62 -7.68
N SER A 104 6.47 30.77 -6.79
CA SER A 104 5.62 30.09 -5.82
C SER A 104 5.89 30.76 -4.47
N ARG A 105 4.83 31.18 -3.79
CA ARG A 105 4.94 31.88 -2.50
C ARG A 105 4.01 31.28 -1.46
N PHE A 106 4.51 31.13 -0.24
CA PHE A 106 3.74 30.51 0.83
C PHE A 106 3.95 31.25 2.13
N SER A 107 2.86 31.47 2.84
CA SER A 107 2.90 32.11 4.15
CA SER A 107 2.92 32.10 4.15
C SER A 107 2.36 31.14 5.19
N LEU A 108 3.23 30.69 6.08
CA LEU A 108 2.87 29.70 7.09
C LEU A 108 2.76 30.31 8.48
N SER A 109 1.83 29.77 9.27
CA SER A 109 1.70 30.13 10.68
C SER A 109 2.95 29.68 11.46
N THR A 110 3.22 30.35 12.57
CA THR A 110 4.33 29.98 13.42
C THR A 110 3.89 29.88 14.88
N LEU A 111 4.64 29.14 15.67
CA LEU A 111 4.55 29.22 17.13
C LEU A 111 5.94 29.58 17.64
N PRO A 112 6.03 30.35 18.75
CA PRO A 112 7.33 30.86 19.17
C PRO A 112 8.35 29.76 19.46
N ALA A 113 9.59 29.96 19.01
CA ALA A 113 10.69 29.03 19.32
C ALA A 113 10.83 28.78 20.83
N ALA A 114 10.57 29.81 21.64
CA ALA A 114 10.68 29.70 23.09
C ALA A 114 9.70 28.66 23.68
N ASP A 115 8.64 28.35 22.95
CA ASP A 115 7.63 27.37 23.40
C ASP A 115 8.00 25.93 23.05
N PHE A 116 9.00 25.74 22.18
CA PHE A 116 9.33 24.40 21.69
C PHE A 116 9.99 23.59 22.80
N PRO A 117 9.48 22.37 23.07
CA PRO A 117 10.01 21.68 24.26
C PRO A 117 11.38 21.03 24.06
N ASN A 118 12.18 21.00 25.13
CA ASN A 118 13.47 20.31 25.13
C ASN A 118 13.41 19.03 25.95
N LEU A 119 14.21 18.04 25.57
CA LEU A 119 14.43 16.91 26.47
C LEU A 119 15.29 17.39 27.63
N ASP A 120 15.13 16.79 28.80
CA ASP A 120 15.99 17.06 29.95
C ASP A 120 17.46 16.85 29.58
N ASP A 121 18.35 17.65 30.18
CA ASP A 121 19.79 17.45 30.03
C ASP A 121 20.20 16.11 30.65
N TRP A 122 21.22 15.48 30.09
CA TRP A 122 21.69 14.19 30.57
C TRP A 122 23.16 13.98 30.24
N GLN A 123 23.80 13.00 30.88
CA GLN A 123 25.23 12.70 30.62
C GLN A 123 25.41 11.34 29.95
N SER A 124 26.34 11.30 28.98
CA SER A 124 26.70 10.06 28.30
C SER A 124 27.57 9.19 29.23
N GLU A 125 27.18 7.93 29.41
CA GLU A 125 27.92 7.00 30.27
C GLU A 125 28.63 5.91 29.48
N VAL A 126 28.09 5.59 28.30
CA VAL A 126 28.59 4.51 27.46
C VAL A 126 28.58 5.01 26.02
N GLU A 127 29.71 4.85 25.33
CA GLU A 127 29.84 5.36 23.96
C GLU A 127 30.55 4.35 23.10
N PHE A 128 30.11 4.26 21.85
CA PHE A 128 30.81 3.47 20.84
C PHE A 128 30.39 3.90 19.45
N THR A 129 31.19 3.49 18.48
CA THR A 129 30.95 3.74 17.06
C THR A 129 30.76 2.39 16.38
N LEU A 130 30.00 2.38 15.29
CA LEU A 130 29.76 1.16 14.53
C LEU A 130 29.30 1.49 13.11
N PRO A 131 29.51 0.56 12.15
CA PRO A 131 29.01 0.81 10.80
C PRO A 131 27.49 0.89 10.77
N GLN A 132 26.98 1.77 9.92
CA GLN A 132 25.56 1.84 9.63
C GLN A 132 25.00 0.45 9.33
N ALA A 133 25.72 -0.32 8.49
CA ALA A 133 25.26 -1.65 8.07
C ALA A 133 25.10 -2.61 9.24
N THR A 134 25.92 -2.45 10.28
CA THR A 134 25.84 -3.27 11.48
C THR A 134 24.54 -2.98 12.25
N MET A 135 24.22 -1.69 12.43
CA MET A 135 22.97 -1.30 13.08
C MET A 135 21.74 -1.80 12.30
N LYS A 136 21.77 -1.62 10.97
CA LYS A 136 20.71 -2.14 10.10
C LYS A 136 20.48 -3.63 10.35
N ARG A 137 21.58 -4.39 10.33
CA ARG A 137 21.57 -5.84 10.56
C ARG A 137 20.94 -6.20 11.91
N LEU A 138 21.40 -5.55 12.98
CA LEU A 138 20.91 -5.77 14.34
C LEU A 138 19.42 -5.54 14.49
N ILE A 139 18.92 -4.44 13.92
CA ILE A 139 17.51 -4.11 14.01
C ILE A 139 16.64 -5.02 13.15
N GLU A 140 16.97 -5.17 11.87
CA GLU A 140 16.14 -5.97 10.96
CA GLU A 140 16.18 -5.98 10.95
C GLU A 140 16.11 -7.45 11.38
N ALA A 141 17.17 -7.92 12.04
CA ALA A 141 17.21 -9.32 12.46
C ALA A 141 16.20 -9.62 13.58
N THR A 142 15.83 -8.60 14.35
CA THR A 142 15.05 -8.83 15.55
C THR A 142 13.71 -8.08 15.66
N GLN A 143 13.57 -6.98 14.92
CA GLN A 143 12.43 -6.07 15.08
C GLN A 143 11.05 -6.72 15.08
N PHE A 144 10.86 -7.70 14.18
CA PHE A 144 9.57 -8.39 14.03
C PHE A 144 9.10 -9.14 15.27
N SER A 145 10.01 -9.43 16.20
CA SER A 145 9.71 -10.22 17.39
C SER A 145 9.34 -9.38 18.63
N MET A 146 9.35 -8.06 18.49
CA MET A 146 8.96 -7.17 19.60
C MET A 146 7.47 -7.36 19.85
N ALA A 147 7.03 -7.15 21.08
CA ALA A 147 5.61 -7.23 21.39
C ALA A 147 4.88 -6.05 20.77
N HIS A 148 3.57 -6.20 20.57
CA HIS A 148 2.72 -5.10 20.18
C HIS A 148 1.68 -4.84 21.27
N GLN A 149 1.80 -3.70 21.94
CA GLN A 149 0.82 -3.29 22.96
C GLN A 149 0.69 -4.26 24.15
N ASP A 150 1.80 -4.89 24.54
CA ASP A 150 1.79 -5.80 25.69
C ASP A 150 1.75 -4.99 26.97
N VAL A 151 1.05 -5.49 28.00
CA VAL A 151 1.00 -4.81 29.31
C VAL A 151 2.37 -4.80 30.00
N ARG A 152 3.24 -5.73 29.60
CA ARG A 152 4.64 -5.62 30.00
C ARG A 152 5.30 -4.68 29.00
N TYR A 153 5.32 -3.39 29.35
CA TYR A 153 5.71 -2.31 28.43
C TYR A 153 7.09 -2.50 27.82
N TYR A 154 7.99 -3.09 28.59
CA TYR A 154 9.38 -3.23 28.18
C TYR A 154 9.55 -4.19 26.99
N LEU A 155 8.59 -5.11 26.82
CA LEU A 155 8.58 -6.03 25.66
C LEU A 155 8.15 -5.33 24.37
N ASN A 156 7.56 -4.14 24.50
CA ASN A 156 7.14 -3.41 23.32
C ASN A 156 8.33 -2.72 22.64
N GLY A 157 9.48 -2.75 23.30
CA GLY A 157 10.69 -2.16 22.76
C GLY A 157 11.73 -3.20 22.40
N MET A 158 12.97 -2.78 22.29
CA MET A 158 14.07 -3.66 21.91
C MET A 158 15.24 -3.46 22.86
N LEU A 159 15.75 -4.58 23.38
CA LEU A 159 16.93 -4.55 24.21
C LEU A 159 18.16 -4.32 23.34
N PHE A 160 18.99 -3.37 23.76
CA PHE A 160 20.32 -3.18 23.20
C PHE A 160 21.32 -3.47 24.31
N GLU A 161 22.14 -4.50 24.10
CA GLU A 161 23.06 -4.97 25.12
C GLU A 161 24.49 -4.89 24.62
N THR A 162 25.38 -4.36 25.44
CA THR A 162 26.82 -4.43 25.15
C THR A 162 27.45 -5.48 26.05
N GLU A 163 28.32 -6.30 25.48
CA GLU A 163 29.05 -7.32 26.23
C GLU A 163 30.32 -7.65 25.48
N GLY A 164 31.46 -7.53 26.16
CA GLY A 164 32.74 -7.76 25.53
C GLY A 164 33.00 -6.70 24.47
N GLU A 165 33.01 -7.13 23.21
CA GLU A 165 33.12 -6.21 22.08
C GLU A 165 31.89 -6.31 21.17
N GLU A 166 30.81 -6.94 21.65
CA GLU A 166 29.62 -7.17 20.84
C GLU A 166 28.49 -6.22 21.21
N LEU A 167 27.74 -5.77 20.21
CA LEU A 167 26.46 -5.12 20.46
C LEU A 167 25.40 -6.15 20.09
N ARG A 168 24.38 -6.26 20.93
CA ARG A 168 23.38 -7.28 20.79
C ARG A 168 21.99 -6.67 20.87
N THR A 169 21.10 -7.11 19.98
CA THR A 169 19.67 -6.79 20.11
C THR A 169 18.86 -8.02 20.50
N VAL A 170 17.85 -7.81 21.33
CA VAL A 170 16.94 -8.87 21.72
C VAL A 170 15.53 -8.32 21.62
N ALA A 171 14.63 -9.10 21.02
CA ALA A 171 13.23 -8.74 20.98
C ALA A 171 12.39 -9.96 21.25
N THR A 172 11.33 -9.80 22.04
CA THR A 172 10.47 -10.93 22.37
C THR A 172 9.10 -10.44 22.81
N ASP A 173 8.09 -11.25 22.54
CA ASP A 173 6.73 -11.00 23.02
C ASP A 173 6.26 -12.10 23.98
N GLY A 174 7.21 -12.83 24.57
CA GLY A 174 6.85 -13.96 25.44
C GLY A 174 6.58 -15.29 24.76
N HIS A 175 6.22 -15.26 23.47
CA HIS A 175 5.95 -16.49 22.73
C HIS A 175 7.10 -16.84 21.79
N ARG A 176 7.73 -15.81 21.24
CA ARG A 176 8.87 -16.01 20.37
C ARG A 176 9.91 -14.94 20.68
N LEU A 177 11.16 -15.26 20.36
CA LEU A 177 12.27 -14.39 20.65
C LEU A 177 13.23 -14.35 19.47
N ALA A 178 13.86 -13.19 19.28
CA ALA A 178 14.94 -13.02 18.31
C ALA A 178 16.15 -12.40 19.01
N VAL A 179 17.34 -12.91 18.74
CA VAL A 179 18.56 -12.30 19.26
C VAL A 179 19.60 -12.21 18.15
N CYS A 180 20.29 -11.09 18.08
CA CYS A 180 21.36 -10.92 17.10
C CYS A 180 22.53 -10.21 17.76
N SER A 181 23.74 -10.73 17.57
CA SER A 181 24.95 -10.15 18.15
C SER A 181 25.93 -9.89 17.04
N MET A 182 26.56 -8.72 17.09
CA MET A 182 27.55 -8.31 16.10
C MET A 182 28.78 -7.71 16.79
N PRO A 183 29.97 -8.10 16.33
CA PRO A 183 31.21 -7.49 16.82
C PRO A 183 31.34 -6.02 16.36
N ILE A 184 31.78 -5.15 17.26
CA ILE A 184 32.02 -3.76 16.87
C ILE A 184 33.45 -3.26 17.13
N GLY A 185 34.31 -4.17 17.56
CA GLY A 185 35.76 -3.92 17.61
C GLY A 185 36.20 -2.89 18.64
N GLN A 186 35.43 -2.75 19.71
CA GLN A 186 35.77 -1.84 20.80
C GLN A 186 35.44 -2.53 22.10
N SER A 187 36.32 -2.36 23.08
CA SER A 187 36.08 -2.85 24.43
C SER A 187 34.90 -2.09 25.03
N LEU A 188 33.81 -2.82 25.29
CA LEU A 188 32.59 -2.21 25.80
C LEU A 188 32.31 -2.64 27.24
N PRO A 189 31.65 -1.76 28.02
CA PRO A 189 31.17 -2.21 29.32
C PRO A 189 30.00 -3.17 29.14
N SER A 190 29.67 -3.96 30.17
CA SER A 190 28.51 -4.84 30.11
C SER A 190 27.32 -4.00 30.54
N HIS A 191 26.39 -3.77 29.61
CA HIS A 191 25.33 -2.83 29.84
C HIS A 191 24.16 -3.17 28.93
N SER A 192 22.94 -2.90 29.40
CA SER A 192 21.72 -3.13 28.61
CA SER A 192 21.76 -3.08 28.56
C SER A 192 20.72 -2.00 28.82
N VAL A 193 20.06 -1.60 27.74
CA VAL A 193 19.00 -0.59 27.80
C VAL A 193 17.88 -1.04 26.88
N ILE A 194 16.67 -0.53 27.11
CA ILE A 194 15.52 -0.88 26.28
C ILE A 194 15.08 0.37 25.54
N VAL A 195 15.09 0.28 24.21
CA VAL A 195 14.66 1.37 23.33
C VAL A 195 13.20 1.15 22.95
N PRO A 196 12.36 2.18 23.13
CA PRO A 196 10.94 2.02 22.80
C PRO A 196 10.73 1.80 21.30
N ARG A 197 9.64 1.13 20.95
CA ARG A 197 9.47 0.72 19.55
CA ARG A 197 9.35 0.74 19.55
C ARG A 197 9.58 1.90 18.56
N LYS A 198 9.02 3.06 18.90
CA LYS A 198 9.10 4.23 18.05
C LYS A 198 10.55 4.70 17.85
N GLY A 199 11.37 4.55 18.89
CA GLY A 199 12.79 4.87 18.82
C GLY A 199 13.52 3.92 17.89
N VAL A 200 13.15 2.65 17.95
CA VAL A 200 13.74 1.63 17.08
C VAL A 200 13.42 1.96 15.62
N ILE A 201 12.15 2.30 15.36
CA ILE A 201 11.71 2.71 14.02
C ILE A 201 12.55 3.87 13.49
N GLU A 202 12.76 4.88 14.35
CA GLU A 202 13.54 6.06 13.97
C GLU A 202 15.03 5.79 13.73
N LEU A 203 15.64 5.00 14.62
CA LEU A 203 17.03 4.60 14.46
CA LEU A 203 17.03 4.56 14.47
C LEU A 203 17.25 3.92 13.11
N MET A 204 16.29 3.06 12.72
CA MET A 204 16.34 2.40 11.42
C MET A 204 16.21 3.40 10.27
N ARG A 205 15.27 4.34 10.41
CA ARG A 205 14.98 5.30 9.35
C ARG A 205 16.15 6.21 9.02
N MET A 206 17.02 6.46 10.00
CA MET A 206 18.11 7.40 9.83
C MET A 206 19.35 6.82 9.16
N LEU A 207 19.30 5.55 8.79
CA LEU A 207 20.51 4.91 8.25
C LEU A 207 20.85 5.37 6.82
N ASP A 208 19.93 5.22 5.88
CA ASP A 208 20.13 5.69 4.48
C ASP A 208 21.01 4.80 3.60
N GLY A 209 21.96 4.08 4.21
CA GLY A 209 22.74 3.07 3.51
C GLY A 209 24.03 3.52 2.86
N GLY A 210 24.49 4.72 3.20
CA GLY A 210 25.80 5.21 2.75
C GLY A 210 26.92 4.67 3.63
N ASP A 211 28.06 5.36 3.65
CA ASP A 211 29.23 4.93 4.42
C ASP A 211 29.43 5.67 5.75
N ASN A 212 28.61 6.69 6.02
CA ASN A 212 28.69 7.42 7.28
C ASN A 212 28.56 6.46 8.47
N PRO A 213 29.55 6.47 9.38
CA PRO A 213 29.46 5.62 10.58
C PRO A 213 28.44 6.16 11.59
N LEU A 214 27.99 5.29 12.48
CA LEU A 214 27.08 5.68 13.55
C LEU A 214 27.84 5.85 14.87
N ARG A 215 27.58 6.94 15.58
CA ARG A 215 28.11 7.15 16.92
C ARG A 215 26.98 7.06 17.92
N VAL A 216 27.11 6.14 18.87
CA VAL A 216 26.08 5.91 19.87
C VAL A 216 26.53 6.37 21.26
N GLN A 217 25.67 7.13 21.93
CA GLN A 217 25.90 7.52 23.32
C GLN A 217 24.73 7.04 24.15
N ILE A 218 25.02 6.38 25.26
CA ILE A 218 24.00 5.84 26.14
C ILE A 218 24.14 6.45 27.54
N GLY A 219 23.05 7.02 28.04
CA GLY A 219 22.98 7.53 29.41
C GLY A 219 22.04 6.66 30.23
N SER A 220 21.77 7.10 31.46
CA SER A 220 20.93 6.31 32.37
C SER A 220 19.48 6.22 31.88
N ASN A 221 19.05 7.23 31.14
CA ASN A 221 17.65 7.32 30.72
C ASN A 221 17.46 7.71 29.26
N ASN A 222 18.57 7.79 28.51
CA ASN A 222 18.54 8.18 27.12
C ASN A 222 19.51 7.42 26.24
N ILE A 223 19.17 7.31 24.97
CA ILE A 223 20.10 6.89 23.93
C ILE A 223 20.20 7.99 22.86
N ARG A 224 21.40 8.22 22.33
CA ARG A 224 21.60 9.16 21.25
C ARG A 224 22.39 8.49 20.14
N ALA A 225 21.98 8.75 18.90
CA ALA A 225 22.70 8.28 17.73
C ALA A 225 23.04 9.42 16.76
N HIS A 226 24.32 9.52 16.40
CA HIS A 226 24.80 10.52 15.47
C HIS A 226 25.16 9.84 14.16
N VAL A 227 24.53 10.28 13.07
CA VAL A 227 24.93 9.83 11.74
C VAL A 227 24.91 11.00 10.77
N GLY A 228 26.03 11.23 10.10
CA GLY A 228 26.18 12.40 9.22
C GLY A 228 25.82 13.66 10.00
N ASP A 229 24.94 14.46 9.43
CA ASP A 229 24.51 15.70 10.06
C ASP A 229 23.16 15.58 10.78
N PHE A 230 22.89 14.41 11.35
CA PHE A 230 21.64 14.12 12.07
C PHE A 230 21.93 13.59 13.48
N ILE A 231 21.15 14.06 14.46
CA ILE A 231 21.24 13.56 15.84
C ILE A 231 19.87 13.10 16.32
N PHE A 232 19.77 11.82 16.65
CA PHE A 232 18.54 11.26 17.21
C PHE A 232 18.71 10.97 18.69
N THR A 233 17.77 11.42 19.50
CA THR A 233 17.78 11.15 20.93
C THR A 233 16.44 10.57 21.33
N SER A 234 16.47 9.49 22.10
CA SER A 234 15.25 8.89 22.66
C SER A 234 15.38 8.63 24.16
N LYS A 235 14.24 8.69 24.85
CA LYS A 235 14.15 8.18 26.20
C LYS A 235 14.22 6.66 26.14
N LEU A 236 14.68 6.06 27.22
CA LEU A 236 14.74 4.62 27.33
C LEU A 236 13.50 4.11 28.06
N VAL A 237 13.30 2.80 28.05
CA VAL A 237 12.18 2.16 28.75
C VAL A 237 12.69 1.48 30.01
N ASP A 238 11.99 1.71 31.12
CA ASP A 238 12.32 1.10 32.41
C ASP A 238 11.73 -0.32 32.47
N GLY A 239 12.33 -1.18 33.28
CA GLY A 239 11.83 -2.54 33.44
C GLY A 239 12.89 -3.62 33.24
N ARG A 240 12.49 -4.85 33.52
CA ARG A 240 13.41 -6.00 33.55
C ARG A 240 13.20 -6.92 32.35
N PHE A 241 13.97 -6.71 31.30
CA PHE A 241 13.85 -7.50 30.07
C PHE A 241 14.29 -8.93 30.34
N PRO A 242 13.54 -9.92 29.81
CA PRO A 242 13.94 -11.31 30.01
C PRO A 242 15.35 -11.60 29.48
N ASP A 243 15.97 -12.65 30.01
CA ASP A 243 17.33 -13.04 29.67
C ASP A 243 17.28 -14.07 28.55
N TYR A 244 17.79 -13.71 27.37
CA TYR A 244 17.69 -14.57 26.18
C TYR A 244 18.38 -15.92 26.44
N ARG A 245 19.38 -15.93 27.30
CA ARG A 245 20.11 -17.16 27.62
C ARG A 245 19.22 -18.22 28.28
N ARG A 246 18.17 -17.77 28.98
CA ARG A 246 17.18 -18.65 29.61
C ARG A 246 16.13 -19.13 28.61
N VAL A 247 16.04 -18.46 27.47
CA VAL A 247 15.05 -18.79 26.45
C VAL A 247 15.63 -19.76 25.43
N LEU A 248 16.90 -19.57 25.07
CA LEU A 248 17.60 -20.51 24.19
C LEU A 248 17.63 -21.89 24.85
N PRO A 249 17.16 -22.91 24.11
CA PRO A 249 17.19 -24.29 24.64
C PRO A 249 18.59 -24.66 25.12
N LYS A 250 18.69 -25.34 26.27
CA LYS A 250 19.97 -25.64 26.89
C LYS A 250 20.84 -26.60 26.07
N ASN A 251 20.20 -27.56 25.40
CA ASN A 251 20.90 -28.51 24.55
C ASN A 251 19.96 -29.04 23.46
N PRO A 252 19.77 -28.24 22.39
CA PRO A 252 18.84 -28.61 21.33
C PRO A 252 19.54 -29.46 20.29
N ASP A 253 19.92 -30.68 20.67
CA ASP A 253 20.83 -31.50 19.87
C ASP A 253 20.24 -32.29 18.70
N LYS A 254 18.92 -32.21 18.48
CA LYS A 254 18.32 -32.73 17.24
C LYS A 254 18.39 -31.63 16.17
N HIS A 255 19.30 -31.76 15.21
CA HIS A 255 19.50 -30.73 14.17
C HIS A 255 18.91 -31.10 12.82
N LEU A 256 18.01 -30.25 12.31
CA LEU A 256 17.43 -30.38 10.98
C LEU A 256 17.92 -29.24 10.10
N GLU A 257 18.36 -29.58 8.88
CA GLU A 257 18.71 -28.56 7.90
C GLU A 257 17.83 -28.66 6.66
N ALA A 258 17.38 -27.52 6.16
CA ALA A 258 16.50 -27.47 5.00
C ALA A 258 16.67 -26.16 4.23
N GLY A 259 16.28 -26.16 2.95
CA GLY A 259 16.26 -24.93 2.16
C GLY A 259 15.29 -23.93 2.75
N CYS A 260 15.75 -22.70 2.94
CA CYS A 260 14.91 -21.70 3.61
C CYS A 260 13.63 -21.41 2.84
N ASP A 261 13.75 -21.12 1.54
CA ASP A 261 12.56 -20.77 0.76
C ASP A 261 11.63 -21.96 0.53
N LEU A 262 12.20 -23.15 0.33
CA LEU A 262 11.38 -24.38 0.24
C LEU A 262 10.59 -24.60 1.50
N LEU A 263 11.26 -24.54 2.65
CA LEU A 263 10.61 -24.68 3.94
C LEU A 263 9.53 -23.62 4.15
N LYS A 264 9.86 -22.37 3.83
CA LYS A 264 8.90 -21.27 3.98
C LYS A 264 7.63 -21.46 3.15
N GLN A 265 7.80 -21.80 1.88
CA GLN A 265 6.64 -21.92 1.00
C GLN A 265 5.75 -23.09 1.41
N ALA A 266 6.34 -24.15 1.97
CA ALA A 266 5.57 -25.30 2.49
C ALA A 266 4.75 -24.90 3.71
N PHE A 267 5.37 -24.18 4.65
CA PHE A 267 4.63 -23.64 5.78
C PHE A 267 3.52 -22.68 5.36
N ALA A 268 3.81 -21.84 4.37
CA ALA A 268 2.85 -20.84 3.87
C ALA A 268 1.61 -21.49 3.25
N ARG A 269 1.79 -22.56 2.49
CA ARG A 269 0.66 -23.34 1.96
C ARG A 269 -0.13 -24.09 3.06
N ALA A 270 0.58 -24.74 3.98
CA ALA A 270 -0.09 -25.45 5.09
C ALA A 270 -0.90 -24.47 5.94
N ALA A 271 -0.37 -23.25 6.10
CA ALA A 271 -1.01 -22.20 6.88
C ALA A 271 -2.41 -21.86 6.40
N ILE A 272 -2.62 -21.97 5.09
CA ILE A 272 -3.92 -21.64 4.49
C ILE A 272 -5.05 -22.43 5.16
N LEU A 273 -4.77 -23.67 5.56
CA LEU A 273 -5.79 -24.52 6.18
C LEU A 273 -5.60 -24.72 7.70
N SER A 274 -4.84 -23.82 8.32
CA SER A 274 -4.73 -23.79 9.79
C SER A 274 -5.85 -22.95 10.39
N ASN A 275 -6.09 -23.15 11.68
CA ASN A 275 -7.04 -22.33 12.42
C ASN A 275 -6.73 -20.85 12.25
N GLU A 276 -7.73 -20.06 11.90
CA GLU A 276 -7.52 -18.65 11.58
C GLU A 276 -7.07 -17.82 12.78
N LYS A 277 -7.47 -18.25 13.98
CA LYS A 277 -7.08 -17.56 15.20
C LYS A 277 -5.82 -18.15 15.81
N PHE A 278 -5.80 -19.47 16.01
CA PHE A 278 -4.68 -20.15 16.70
C PHE A 278 -3.50 -20.55 15.80
N ARG A 279 -3.75 -20.66 14.49
CA ARG A 279 -2.71 -20.84 13.47
CA ARG A 279 -2.69 -20.82 13.49
C ARG A 279 -1.78 -22.05 13.67
N GLY A 280 -2.30 -23.10 14.28
CA GLY A 280 -1.50 -24.29 14.61
C GLY A 280 -1.19 -25.23 13.46
N VAL A 281 0.08 -25.62 13.35
CA VAL A 281 0.52 -26.68 12.44
C VAL A 281 1.33 -27.71 13.21
N ARG A 282 1.44 -28.92 12.66
CA ARG A 282 2.18 -30.00 13.28
C ARG A 282 3.34 -30.39 12.38
N LEU A 283 4.49 -30.62 13.00
CA LEU A 283 5.70 -31.05 12.31
C LEU A 283 6.02 -32.48 12.72
N TYR A 284 6.26 -33.34 11.74
CA TYR A 284 6.66 -34.71 12.00
C TYR A 284 8.05 -34.85 11.43
N VAL A 285 9.03 -35.01 12.32
CA VAL A 285 10.42 -35.11 11.93
C VAL A 285 10.84 -36.57 11.95
N SER A 286 11.45 -37.01 10.85
CA SER A 286 11.94 -38.37 10.76
C SER A 286 13.16 -38.35 9.86
N GLU A 287 13.75 -39.52 9.63
CA GLU A 287 15.02 -39.59 8.94
C GLU A 287 14.95 -38.90 7.59
N ASN A 288 15.73 -37.83 7.44
CA ASN A 288 15.79 -37.01 6.23
C ASN A 288 14.46 -36.55 5.65
N GLN A 289 13.44 -36.41 6.50
CA GLN A 289 12.10 -36.02 6.06
C GLN A 289 11.38 -35.15 7.09
N LEU A 290 10.67 -34.15 6.60
CA LEU A 290 9.75 -33.38 7.42
C LEU A 290 8.36 -33.41 6.79
N LYS A 291 7.36 -33.68 7.62
CA LYS A 291 5.99 -33.59 7.18
C LYS A 291 5.32 -32.50 7.99
N ILE A 292 4.67 -31.59 7.28
CA ILE A 292 3.91 -30.51 7.90
C ILE A 292 2.43 -30.74 7.65
N THR A 293 1.62 -30.70 8.69
CA THR A 293 0.17 -30.80 8.51
C THR A 293 -0.56 -29.66 9.18
N ALA A 294 -1.74 -29.37 8.64
CA ALA A 294 -2.62 -28.36 9.22
C ALA A 294 -4.06 -28.77 9.04
N ASN A 295 -4.89 -28.44 10.01
CA ASN A 295 -6.33 -28.58 9.84
C ASN A 295 -7.09 -27.50 10.58
N ASN A 296 -8.35 -27.28 10.20
CA ASN A 296 -9.14 -26.21 10.78
C ASN A 296 -10.47 -26.76 11.32
N PRO A 297 -11.28 -25.92 12.00
CA PRO A 297 -12.57 -26.41 12.49
C PRO A 297 -13.50 -26.94 11.39
N GLU A 298 -13.30 -26.48 10.15
CA GLU A 298 -14.10 -26.93 9.00
C GLU A 298 -13.64 -28.29 8.45
N GLN A 299 -12.71 -28.94 9.15
CA GLN A 299 -12.22 -30.30 8.82
C GLN A 299 -11.43 -30.35 7.50
N GLU A 300 -10.95 -29.21 7.05
CA GLU A 300 -10.10 -29.14 5.86
C GLU A 300 -8.68 -29.45 6.29
N GLU A 301 -7.87 -30.02 5.40
CA GLU A 301 -6.53 -30.50 5.78
C GLU A 301 -5.48 -30.20 4.72
N ALA A 302 -4.30 -29.81 5.19
CA ALA A 302 -3.14 -29.67 4.32
C ALA A 302 -2.04 -30.62 4.79
N GLU A 303 -1.26 -31.12 3.84
CA GLU A 303 -0.10 -31.91 4.16
C GLU A 303 1.02 -31.55 3.19
N GLU A 304 2.21 -31.28 3.75
CA GLU A 304 3.38 -31.01 2.96
C GLU A 304 4.47 -31.97 3.39
N ILE A 305 5.16 -32.57 2.43
CA ILE A 305 6.31 -33.42 2.71
C ILE A 305 7.53 -32.84 1.97
N LEU A 306 8.63 -32.70 2.70
CA LEU A 306 9.86 -32.14 2.14
C LEU A 306 11.02 -33.03 2.51
N ASP A 307 12.03 -33.08 1.65
CA ASP A 307 13.29 -33.70 2.02
C ASP A 307 14.11 -32.71 2.82
N VAL A 308 14.70 -33.17 3.91
CA VAL A 308 15.59 -32.35 4.73
C VAL A 308 16.80 -33.20 5.16
N THR A 309 17.77 -32.57 5.81
CA THR A 309 18.86 -33.33 6.40
C THR A 309 18.56 -33.50 7.89
N TYR A 310 18.23 -34.74 8.26
CA TYR A 310 17.93 -35.07 9.65
C TYR A 310 18.26 -36.51 9.99
N SER A 311 19.08 -36.69 11.02
CA SER A 311 19.55 -38.03 11.43
C SER A 311 19.30 -38.36 12.91
N GLY A 312 18.60 -37.47 13.62
CA GLY A 312 18.24 -37.72 15.01
C GLY A 312 17.01 -38.61 15.16
N ALA A 313 16.47 -38.69 16.37
CA ALA A 313 15.28 -39.50 16.64
C ALA A 313 14.01 -38.85 16.09
N GLU A 314 13.01 -39.68 15.82
CA GLU A 314 11.71 -39.17 15.34
C GLU A 314 11.00 -38.37 16.43
N MET A 315 10.34 -37.29 16.04
CA MET A 315 9.53 -36.53 16.98
C MET A 315 8.45 -35.71 16.28
N GLU A 316 7.41 -35.36 17.02
CA GLU A 316 6.38 -34.47 16.53
C GLU A 316 6.27 -33.26 17.44
N ILE A 317 5.96 -32.12 16.85
CA ILE A 317 5.89 -30.87 17.59
C ILE A 317 4.90 -29.93 16.90
N GLY A 318 4.14 -29.18 17.69
CA GLY A 318 3.15 -28.22 17.15
C GLY A 318 3.65 -26.80 17.30
N PHE A 319 3.35 -25.95 16.30
CA PHE A 319 3.76 -24.53 16.32
C PHE A 319 2.70 -23.61 15.75
N ASN A 320 2.70 -22.37 16.24
CA ASN A 320 2.00 -21.29 15.56
C ASN A 320 2.73 -21.00 14.25
N VAL A 321 2.10 -21.29 13.12
CA VAL A 321 2.76 -21.15 11.81
C VAL A 321 3.18 -19.70 11.45
N SER A 322 2.43 -18.71 11.94
CA SER A 322 2.80 -17.31 11.74
C SER A 322 4.17 -17.01 12.32
N TYR A 323 4.44 -17.52 13.53
CA TYR A 323 5.73 -17.31 14.19
C TYR A 323 6.89 -17.94 13.41
N VAL A 324 6.65 -19.14 12.88
CA VAL A 324 7.68 -19.83 12.08
C VAL A 324 7.93 -19.05 10.78
N LEU A 325 6.86 -18.63 10.11
CA LEU A 325 6.98 -17.86 8.88
C LEU A 325 7.74 -16.54 9.09
N ASP A 326 7.45 -15.86 10.19
CA ASP A 326 8.13 -14.62 10.55
C ASP A 326 9.65 -14.82 10.59
N VAL A 327 10.08 -15.90 11.23
CA VAL A 327 11.49 -16.24 11.33
C VAL A 327 12.08 -16.51 9.94
N LEU A 328 11.41 -17.36 9.17
CA LEU A 328 11.96 -17.76 7.86
C LEU A 328 12.05 -16.56 6.90
N ASN A 329 11.10 -15.64 7.01
CA ASN A 329 11.14 -14.40 6.24
C ASN A 329 12.24 -13.46 6.69
N ALA A 330 12.57 -13.50 7.98
CA ALA A 330 13.66 -12.67 8.50
C ALA A 330 15.03 -13.26 8.17
N LEU A 331 15.08 -14.58 7.96
CA LEU A 331 16.30 -15.23 7.53
C LEU A 331 16.42 -15.07 6.02
N LYS A 332 17.31 -14.18 5.59
CA LYS A 332 17.52 -13.94 4.17
C LYS A 332 18.69 -14.81 3.74
N CYS A 333 18.46 -16.12 3.68
CA CYS A 333 19.55 -17.06 3.46
C CYS A 333 19.11 -18.30 2.69
N GLU A 334 20.09 -19.13 2.33
CA GLU A 334 19.84 -20.31 1.51
C GLU A 334 19.28 -21.48 2.33
N ASN A 335 19.93 -21.77 3.46
CA ASN A 335 19.57 -22.92 4.28
C ASN A 335 19.35 -22.57 5.74
N VAL A 336 18.33 -23.17 6.33
CA VAL A 336 17.99 -22.93 7.72
C VAL A 336 18.34 -24.17 8.53
N ARG A 337 18.75 -23.97 9.77
CA ARG A 337 18.90 -25.04 10.74
C ARG A 337 17.87 -24.89 11.84
N MET A 338 17.16 -25.99 12.11
CA MET A 338 16.21 -26.06 13.22
C MET A 338 16.79 -27.02 14.25
N MET A 339 16.78 -26.57 15.51
CA MET A 339 17.44 -27.26 16.59
C MET A 339 16.38 -27.59 17.63
N LEU A 340 16.13 -28.89 17.81
CA LEU A 340 15.00 -29.37 18.59
C LEU A 340 15.45 -30.11 19.85
N THR A 341 14.51 -30.22 20.78
CA THR A 341 14.71 -30.86 22.07
C THR A 341 13.67 -31.97 22.22
N ASP A 342 12.42 -31.59 22.45
CA ASP A 342 11.30 -32.55 22.48
C ASP A 342 9.98 -31.84 22.15
N SER A 343 8.88 -32.56 22.20
CA SER A 343 7.57 -32.07 21.77
C SER A 343 7.01 -30.93 22.63
N VAL A 344 7.59 -30.71 23.81
CA VAL A 344 7.05 -29.72 24.76
C VAL A 344 8.06 -28.61 25.09
N SER A 345 9.12 -28.53 24.28
CA SER A 345 10.13 -27.48 24.46
C SER A 345 10.26 -26.62 23.22
N SER A 346 10.90 -25.46 23.39
CA SER A 346 11.07 -24.52 22.27
C SER A 346 11.96 -25.09 21.17
N VAL A 347 11.86 -24.51 19.98
CA VAL A 347 12.76 -24.80 18.86
C VAL A 347 13.66 -23.57 18.67
N GLN A 348 14.92 -23.82 18.35
CA GLN A 348 15.83 -22.75 17.96
C GLN A 348 16.01 -22.85 16.46
N ILE A 349 16.01 -21.71 15.79
CA ILE A 349 16.12 -21.66 14.33
C ILE A 349 17.20 -20.64 13.99
N GLU A 350 18.10 -21.01 13.08
CA GLU A 350 19.19 -20.11 12.64
C GLU A 350 19.47 -20.28 11.15
N ASP A 351 20.16 -19.31 10.56
CA ASP A 351 20.82 -19.48 9.26
C ASP A 351 21.85 -20.61 9.42
N ALA A 352 21.82 -21.62 8.55
CA ALA A 352 22.77 -22.73 8.65
C ALA A 352 24.21 -22.22 8.52
N ALA A 353 24.38 -21.09 7.83
CA ALA A 353 25.70 -20.54 7.56
C ALA A 353 26.16 -19.45 8.54
N SER A 354 25.26 -18.99 9.40
CA SER A 354 25.65 -17.97 10.40
C SER A 354 25.01 -18.15 11.78
N GLN A 355 25.83 -18.02 12.81
CA GLN A 355 25.37 -18.10 14.20
C GLN A 355 25.00 -16.71 14.78
N SER A 356 25.17 -15.66 13.98
CA SER A 356 25.02 -14.26 14.44
C SER A 356 23.61 -13.87 14.91
N ALA A 357 22.60 -14.58 14.42
CA ALA A 357 21.24 -14.39 14.89
C ALA A 357 20.63 -15.73 15.24
N ALA A 358 19.80 -15.75 16.27
CA ALA A 358 19.08 -16.97 16.65
C ALA A 358 17.65 -16.62 16.98
N TYR A 359 16.76 -17.56 16.71
CA TYR A 359 15.32 -17.36 16.88
C TYR A 359 14.77 -18.51 17.68
N VAL A 360 13.90 -18.19 18.62
CA VAL A 360 13.30 -19.23 19.46
C VAL A 360 11.78 -19.12 19.35
N VAL A 361 11.13 -20.25 19.08
CA VAL A 361 9.67 -20.31 19.04
C VAL A 361 9.21 -21.37 20.02
N MET A 362 8.27 -20.99 20.89
CA MET A 362 7.73 -21.91 21.88
CA MET A 362 7.72 -21.91 21.89
C MET A 362 6.68 -22.80 21.23
N PRO A 363 6.61 -24.10 21.64
CA PRO A 363 5.67 -24.94 20.94
C PRO A 363 4.23 -24.74 21.38
N MET A 364 3.31 -25.29 20.60
CA MET A 364 1.91 -25.35 20.96
C MET A 364 1.58 -26.78 21.39
N ARG A 365 0.80 -26.90 22.46
CA ARG A 365 0.34 -28.21 22.93
C ARG A 365 -0.79 -28.72 22.04
N MET B 1 -15.76 -35.81 -10.76
CA MET B 1 -15.13 -34.62 -11.40
C MET B 1 -13.63 -34.68 -11.16
N LYS B 2 -12.87 -34.59 -12.25
CA LYS B 2 -11.44 -34.75 -12.21
C LYS B 2 -10.80 -33.88 -13.29
N PHE B 3 -9.72 -33.19 -12.93
CA PHE B 3 -8.92 -32.45 -13.89
C PHE B 3 -7.50 -32.21 -13.39
N THR B 4 -6.57 -32.13 -14.32
CA THR B 4 -5.18 -31.81 -14.01
C THR B 4 -4.77 -30.67 -14.94
N VAL B 5 -4.32 -29.56 -14.36
CA VAL B 5 -4.10 -28.29 -15.08
CA VAL B 5 -4.03 -28.35 -15.12
C VAL B 5 -2.85 -27.60 -14.53
N GLU B 6 -2.07 -26.96 -15.42
CA GLU B 6 -0.92 -26.15 -14.99
C GLU B 6 -1.36 -24.99 -14.12
N ARG B 7 -0.56 -24.71 -13.10
CA ARG B 7 -0.85 -23.60 -12.17
C ARG B 7 -1.22 -22.30 -12.89
N GLU B 8 -0.38 -21.89 -13.85
CA GLU B 8 -0.57 -20.57 -14.50
C GLU B 8 -1.86 -20.49 -15.30
N HIS B 9 -2.32 -21.62 -15.83
CA HIS B 9 -3.59 -21.64 -16.56
C HIS B 9 -4.80 -21.46 -15.67
N LEU B 10 -4.58 -21.57 -14.35
CA LEU B 10 -5.64 -21.36 -13.37
C LEU B 10 -5.61 -19.99 -12.73
N LEU B 11 -4.43 -19.40 -12.61
CA LEU B 11 -4.27 -18.13 -11.85
C LEU B 11 -5.05 -16.95 -12.40
N LYS B 12 -4.94 -16.67 -13.69
CA LYS B 12 -5.69 -15.54 -14.25
C LYS B 12 -7.19 -15.80 -14.16
N PRO B 13 -7.66 -16.99 -14.59
CA PRO B 13 -9.09 -17.25 -14.38
C PRO B 13 -9.55 -17.10 -12.92
N LEU B 14 -8.75 -17.58 -11.97
CA LEU B 14 -9.11 -17.50 -10.56
C LEU B 14 -9.18 -16.05 -10.08
N GLN B 15 -8.20 -15.23 -10.49
CA GLN B 15 -8.21 -13.80 -10.20
C GLN B 15 -9.49 -13.14 -10.72
N GLN B 16 -9.92 -13.52 -11.92
CA GLN B 16 -11.12 -12.93 -12.53
C GLN B 16 -12.42 -13.33 -11.84
N VAL B 17 -12.54 -14.58 -11.41
CA VAL B 17 -13.81 -15.05 -10.81
C VAL B 17 -13.91 -14.72 -9.31
N SER B 18 -12.80 -14.27 -8.72
CA SER B 18 -12.76 -13.88 -7.31
C SER B 18 -13.28 -12.46 -7.09
N LEU B 27 -24.34 -15.04 2.52
CA LEU B 27 -24.40 -16.48 2.28
C LEU B 27 -23.04 -17.06 1.86
N PRO B 28 -22.59 -18.12 2.55
CA PRO B 28 -21.30 -18.79 2.33
C PRO B 28 -21.02 -19.24 0.90
N ILE B 29 -22.05 -19.64 0.15
CA ILE B 29 -21.80 -20.13 -1.20
C ILE B 29 -21.31 -19.02 -2.16
N LEU B 30 -21.62 -17.76 -1.83
CA LEU B 30 -21.12 -16.61 -2.58
C LEU B 30 -19.61 -16.47 -2.44
N GLY B 31 -19.07 -17.10 -1.41
CA GLY B 31 -17.63 -17.11 -1.14
C GLY B 31 -16.98 -18.29 -1.81
N ASN B 32 -17.77 -19.13 -2.47
CA ASN B 32 -17.25 -20.27 -3.23
C ASN B 32 -17.25 -20.02 -4.72
N LEU B 33 -16.40 -20.76 -5.43
CA LEU B 33 -16.43 -20.77 -6.88
C LEU B 33 -17.07 -22.06 -7.35
N LEU B 34 -17.93 -21.96 -8.36
CA LEU B 34 -18.48 -23.12 -9.04
C LEU B 34 -17.44 -23.62 -10.03
N LEU B 35 -17.10 -24.90 -9.92
CA LEU B 35 -16.21 -25.54 -10.88
C LEU B 35 -16.99 -26.57 -11.69
N GLN B 36 -16.88 -26.50 -13.03
CA GLN B 36 -17.59 -27.45 -13.88
C GLN B 36 -16.64 -28.03 -14.94
N VAL B 37 -16.57 -29.35 -15.02
CA VAL B 37 -15.81 -30.02 -16.09
C VAL B 37 -16.83 -30.60 -17.06
N ALA B 38 -16.80 -30.12 -18.30
CA ALA B 38 -17.73 -30.56 -19.35
C ALA B 38 -17.13 -30.31 -20.72
N ASP B 39 -17.26 -31.30 -21.60
CA ASP B 39 -16.83 -31.20 -23.00
C ASP B 39 -15.44 -30.56 -23.20
N GLY B 40 -14.46 -31.11 -22.48
CA GLY B 40 -13.06 -30.70 -22.62
C GLY B 40 -12.72 -29.36 -21.98
N THR B 41 -13.61 -28.84 -21.14
CA THR B 41 -13.46 -27.49 -20.58
C THR B 41 -13.71 -27.46 -19.07
N LEU B 42 -12.83 -26.78 -18.35
CA LEU B 42 -13.13 -26.41 -16.97
C LEU B 42 -13.70 -25.00 -16.99
N SER B 43 -14.91 -24.84 -16.44
CA SER B 43 -15.49 -23.54 -16.23
C SER B 43 -15.47 -23.18 -14.75
N LEU B 44 -15.15 -21.92 -14.44
CA LEU B 44 -15.13 -21.41 -13.07
C LEU B 44 -16.03 -20.19 -13.00
N THR B 45 -16.92 -20.18 -12.01
CA THR B 45 -17.86 -19.08 -11.87
C THR B 45 -17.83 -18.52 -10.46
N GLY B 46 -17.74 -17.19 -10.38
CA GLY B 46 -17.95 -16.45 -9.14
C GLY B 46 -19.14 -15.53 -9.31
N THR B 47 -19.84 -15.28 -8.20
CA THR B 47 -20.97 -14.36 -8.23
C THR B 47 -21.16 -13.71 -6.87
N ASP B 48 -21.75 -12.52 -6.87
CA ASP B 48 -22.22 -11.92 -5.62
C ASP B 48 -23.74 -11.67 -5.66
N LEU B 49 -24.43 -12.35 -6.58
CA LEU B 49 -25.87 -12.17 -6.86
C LEU B 49 -26.22 -10.94 -7.71
N GLU B 50 -25.34 -9.94 -7.71
CA GLU B 50 -25.52 -8.75 -8.54
C GLU B 50 -24.82 -8.91 -9.90
N MET B 51 -23.69 -9.58 -9.89
CA MET B 51 -22.91 -9.81 -11.09
C MET B 51 -22.18 -11.13 -10.99
N GLU B 52 -21.72 -11.61 -12.13
CA GLU B 52 -21.13 -12.93 -12.22
C GLU B 52 -19.99 -12.92 -13.24
N MET B 53 -18.92 -13.64 -12.94
CA MET B 53 -17.85 -13.86 -13.89
C MET B 53 -17.69 -15.36 -14.16
N VAL B 54 -17.61 -15.72 -15.44
CA VAL B 54 -17.37 -17.10 -15.85
C VAL B 54 -16.07 -17.15 -16.66
N ALA B 55 -15.13 -17.98 -16.24
CA ALA B 55 -13.87 -18.16 -16.96
C ALA B 55 -13.78 -19.60 -17.46
N ARG B 56 -13.35 -19.77 -18.72
CA ARG B 56 -13.16 -21.10 -19.28
CA ARG B 56 -13.17 -21.09 -19.32
C ARG B 56 -11.68 -21.43 -19.47
N VAL B 57 -11.33 -22.68 -19.16
CA VAL B 57 -9.96 -23.17 -19.27
C VAL B 57 -9.99 -24.46 -20.11
N ALA B 58 -9.22 -24.52 -21.19
CA ALA B 58 -9.17 -25.73 -22.02
C ALA B 58 -8.47 -26.82 -21.22
N LEU B 59 -9.01 -28.05 -21.26
CA LEU B 59 -8.40 -29.17 -20.58
C LEU B 59 -7.67 -30.08 -21.56
N VAL B 60 -6.34 -30.01 -21.56
CA VAL B 60 -5.53 -30.78 -22.51
C VAL B 60 -5.12 -32.15 -21.94
N GLN B 61 -5.21 -32.29 -20.63
CA GLN B 61 -4.97 -33.56 -19.96
C GLN B 61 -6.28 -34.29 -19.70
N PRO B 62 -6.20 -35.61 -19.43
CA PRO B 62 -7.39 -36.41 -19.13
C PRO B 62 -8.22 -35.81 -17.99
N HIS B 63 -9.53 -35.91 -18.12
CA HIS B 63 -10.46 -35.27 -17.20
C HIS B 63 -11.74 -36.07 -17.11
N GLU B 64 -12.49 -35.85 -16.05
CA GLU B 64 -13.77 -36.52 -15.84
C GLU B 64 -14.80 -35.46 -15.49
N PRO B 65 -15.99 -35.54 -16.08
CA PRO B 65 -16.98 -34.50 -15.89
C PRO B 65 -17.59 -34.50 -14.50
N GLY B 66 -18.24 -33.38 -14.17
CA GLY B 66 -18.89 -33.19 -12.89
C GLY B 66 -18.73 -31.75 -12.46
N ALA B 67 -19.30 -31.41 -11.32
CA ALA B 67 -19.32 -30.03 -10.86
C ALA B 67 -19.38 -29.99 -9.34
N THR B 68 -18.72 -29.00 -8.75
CA THR B 68 -18.81 -28.74 -7.31
C THR B 68 -18.54 -27.24 -7.05
N THR B 69 -18.60 -26.83 -5.79
CA THR B 69 -18.12 -25.50 -5.41
C THR B 69 -17.13 -25.59 -4.26
N VAL B 70 -16.13 -24.72 -4.28
CA VAL B 70 -15.03 -24.73 -3.32
C VAL B 70 -14.76 -23.30 -2.83
N PRO B 71 -14.27 -23.13 -1.57
CA PRO B 71 -13.91 -21.78 -1.09
C PRO B 71 -12.94 -21.08 -2.04
N ALA B 72 -13.34 -19.88 -2.49
CA ALA B 72 -12.60 -19.15 -3.52
C ALA B 72 -11.21 -18.74 -3.05
N ARG B 73 -11.15 -18.02 -1.94
CA ARG B 73 -9.89 -17.49 -1.42
CA ARG B 73 -9.90 -17.48 -1.42
C ARG B 73 -8.89 -18.60 -1.11
N LYS B 74 -9.34 -19.63 -0.41
CA LYS B 74 -8.46 -20.76 -0.05
C LYS B 74 -7.96 -21.48 -1.28
N PHE B 75 -8.84 -21.73 -2.24
CA PHE B 75 -8.43 -22.44 -3.45
C PHE B 75 -7.44 -21.60 -4.25
N PHE B 76 -7.74 -20.30 -4.39
CA PHE B 76 -6.84 -19.35 -5.05
C PHE B 76 -5.48 -19.30 -4.33
N ASP B 77 -5.51 -19.16 -3.01
CA ASP B 77 -4.28 -19.07 -2.23
C ASP B 77 -3.41 -20.32 -2.32
N ILE B 78 -4.04 -21.49 -2.29
CA ILE B 78 -3.32 -22.76 -2.49
C ILE B 78 -2.66 -22.79 -3.87
N CYS B 79 -3.41 -22.49 -4.92
CA CYS B 79 -2.86 -22.50 -6.27
C CYS B 79 -1.69 -21.52 -6.43
N ARG B 80 -1.86 -20.28 -5.97
CA ARG B 80 -0.78 -19.31 -6.14
CA ARG B 80 -0.81 -19.26 -6.08
C ARG B 80 0.42 -19.64 -5.25
N GLY B 81 0.17 -20.33 -4.13
CA GLY B 81 1.22 -20.74 -3.20
C GLY B 81 2.09 -21.89 -3.70
N LEU B 82 1.59 -22.64 -4.66
CA LEU B 82 2.36 -23.73 -5.27
C LEU B 82 3.43 -23.17 -6.20
N PRO B 83 4.49 -23.95 -6.47
CA PRO B 83 5.60 -23.40 -7.25
C PRO B 83 5.21 -23.09 -8.69
N GLU B 84 5.89 -22.12 -9.29
CA GLU B 84 5.62 -21.72 -10.67
C GLU B 84 5.66 -22.92 -11.60
N GLY B 85 4.62 -23.04 -12.44
CA GLY B 85 4.54 -24.14 -13.40
C GLY B 85 4.20 -25.51 -12.83
N ALA B 86 3.76 -25.57 -11.57
CA ALA B 86 3.36 -26.82 -10.95
C ALA B 86 2.12 -27.38 -11.64
N GLU B 87 2.02 -28.71 -11.67
CA GLU B 87 0.81 -29.38 -12.17
CA GLU B 87 0.84 -29.42 -12.16
C GLU B 87 -0.14 -29.58 -11.02
N ILE B 88 -1.38 -29.13 -11.19
CA ILE B 88 -2.37 -29.22 -10.13
C ILE B 88 -3.46 -30.23 -10.46
N ALA B 89 -3.54 -31.30 -9.66
CA ALA B 89 -4.51 -32.37 -9.87
C ALA B 89 -5.64 -32.21 -8.88
N VAL B 90 -6.86 -32.22 -9.40
CA VAL B 90 -8.04 -31.98 -8.60
C VAL B 90 -9.05 -33.09 -8.84
N GLN B 91 -9.56 -33.66 -7.75
CA GLN B 91 -10.69 -34.59 -7.85
C GLN B 91 -11.62 -34.47 -6.64
N LEU B 92 -12.89 -34.81 -6.86
CA LEU B 92 -13.86 -34.87 -5.77
C LEU B 92 -13.71 -36.17 -5.00
N GLU B 93 -13.84 -36.09 -3.68
CA GLU B 93 -13.82 -37.26 -2.81
C GLU B 93 -14.79 -37.04 -1.67
N GLY B 94 -15.97 -37.64 -1.78
CA GLY B 94 -17.04 -37.45 -0.81
C GLY B 94 -17.53 -36.02 -0.82
N GLU B 95 -17.52 -35.39 0.35
CA GLU B 95 -17.92 -33.99 0.51
C GLU B 95 -16.71 -33.05 0.40
N ARG B 96 -15.57 -33.59 -0.03
CA ARG B 96 -14.33 -32.81 -0.10
C ARG B 96 -13.77 -32.71 -1.51
N MET B 97 -13.01 -31.65 -1.78
CA MET B 97 -12.27 -31.56 -3.02
C MET B 97 -10.80 -31.70 -2.71
N LEU B 98 -10.18 -32.69 -3.35
CA LEU B 98 -8.79 -32.99 -3.16
C LEU B 98 -7.96 -32.23 -4.19
N VAL B 99 -6.93 -31.55 -3.69
CA VAL B 99 -5.99 -30.79 -4.52
C VAL B 99 -4.60 -31.34 -4.25
N ARG B 100 -3.92 -31.79 -5.29
CA ARG B 100 -2.61 -32.40 -5.15
C ARG B 100 -1.62 -31.89 -6.18
N SER B 101 -0.42 -31.59 -5.70
CA SER B 101 0.67 -31.13 -6.56
C SER B 101 1.98 -31.46 -5.87
N GLY B 102 2.86 -32.19 -6.56
CA GLY B 102 4.11 -32.66 -5.96
C GLY B 102 3.77 -33.47 -4.71
N ARG B 103 4.39 -33.13 -3.58
CA ARG B 103 4.00 -33.78 -2.31
CA ARG B 103 4.06 -33.76 -2.30
C ARG B 103 3.28 -32.79 -1.40
N SER B 104 2.48 -31.93 -2.04
CA SER B 104 1.58 -31.02 -1.35
C SER B 104 0.17 -31.55 -1.59
N ARG B 105 -0.59 -31.76 -0.52
CA ARG B 105 -1.94 -32.32 -0.59
CA ARG B 105 -1.94 -32.27 -0.65
C ARG B 105 -2.90 -31.43 0.20
N PHE B 106 -4.08 -31.18 -0.37
CA PHE B 106 -5.09 -30.34 0.27
C PHE B 106 -6.48 -30.94 0.13
N SER B 107 -7.26 -30.85 1.19
CA SER B 107 -8.61 -31.36 1.20
C SER B 107 -9.49 -30.20 1.61
N LEU B 108 -10.30 -29.71 0.68
CA LEU B 108 -11.17 -28.54 0.91
C LEU B 108 -12.62 -28.93 1.04
N SER B 109 -13.34 -28.17 1.87
CA SER B 109 -14.79 -28.31 1.99
C SER B 109 -15.46 -27.96 0.67
N THR B 110 -16.62 -28.55 0.40
CA THR B 110 -17.38 -28.19 -0.80
C THR B 110 -18.80 -27.83 -0.43
N LEU B 111 -19.46 -27.07 -1.30
CA LEU B 111 -20.93 -26.97 -1.28
C LEU B 111 -21.46 -27.43 -2.62
N PRO B 112 -22.69 -28.01 -2.64
CA PRO B 112 -23.24 -28.57 -3.88
C PRO B 112 -23.37 -27.53 -4.99
N ALA B 113 -22.98 -27.93 -6.21
CA ALA B 113 -23.15 -27.09 -7.39
C ALA B 113 -24.63 -26.74 -7.59
N ALA B 114 -25.50 -27.68 -7.23
CA ALA B 114 -26.95 -27.47 -7.28
C ALA B 114 -27.41 -26.21 -6.54
N ASP B 115 -26.64 -25.80 -5.52
CA ASP B 115 -27.00 -24.64 -4.70
C ASP B 115 -26.38 -23.33 -5.19
N PHE B 116 -25.48 -23.43 -6.17
CA PHE B 116 -24.83 -22.23 -6.70
C PHE B 116 -25.87 -21.39 -7.45
N PRO B 117 -26.03 -20.11 -7.07
CA PRO B 117 -27.12 -19.32 -7.64
C PRO B 117 -26.87 -18.82 -9.06
N ASN B 118 -27.95 -18.66 -9.82
CA ASN B 118 -27.89 -18.14 -11.17
C ASN B 118 -28.54 -16.77 -11.26
N LEU B 119 -28.02 -15.94 -12.15
CA LEU B 119 -28.72 -14.71 -12.49
C LEU B 119 -29.95 -15.07 -13.31
N ASP B 120 -30.99 -14.26 -13.24
CA ASP B 120 -32.21 -14.52 -14.01
C ASP B 120 -31.87 -14.56 -15.49
N ASP B 121 -32.56 -15.43 -16.24
CA ASP B 121 -32.45 -15.48 -17.68
C ASP B 121 -32.93 -14.15 -18.28
N TRP B 122 -32.35 -13.75 -19.41
CA TRP B 122 -32.70 -12.46 -20.04
C TRP B 122 -32.36 -12.44 -21.54
N GLN B 123 -32.92 -11.48 -22.27
CA GLN B 123 -32.64 -11.35 -23.72
C GLN B 123 -31.79 -10.14 -24.04
N SER B 124 -30.83 -10.34 -24.95
CA SER B 124 -29.97 -9.28 -25.46
C SER B 124 -30.76 -8.42 -26.44
N GLU B 125 -30.71 -7.10 -26.26
CA GLU B 125 -31.46 -6.18 -27.12
C GLU B 125 -30.56 -5.26 -27.92
N VAL B 126 -29.39 -4.95 -27.38
CA VAL B 126 -28.43 -4.06 -28.02
C VAL B 126 -27.06 -4.72 -27.94
N GLU B 127 -26.37 -4.81 -29.08
CA GLU B 127 -25.05 -5.47 -29.13
C GLU B 127 -24.05 -4.73 -30.00
N PHE B 128 -22.79 -4.78 -29.60
CA PHE B 128 -21.71 -4.23 -30.40
C PHE B 128 -20.39 -4.83 -29.98
N THR B 129 -19.42 -4.77 -30.88
CA THR B 129 -18.07 -5.20 -30.61
C THR B 129 -17.17 -3.99 -30.68
N LEU B 130 -16.13 -3.95 -29.85
CA LEU B 130 -15.15 -2.88 -29.87
C LEU B 130 -13.81 -3.37 -29.33
N PRO B 131 -12.70 -2.69 -29.70
CA PRO B 131 -11.43 -3.08 -29.10
C PRO B 131 -11.46 -2.91 -27.58
N GLN B 132 -10.80 -3.82 -26.87
CA GLN B 132 -10.68 -3.70 -25.41
C GLN B 132 -10.12 -2.36 -24.99
N ALA B 133 -9.13 -1.86 -25.74
CA ALA B 133 -8.48 -0.59 -25.39
C ALA B 133 -9.45 0.58 -25.40
N THR B 134 -10.46 0.50 -26.27
CA THR B 134 -11.48 1.55 -26.40
C THR B 134 -12.36 1.55 -25.15
N MET B 135 -12.82 0.37 -24.75
CA MET B 135 -13.55 0.26 -23.49
C MET B 135 -12.73 0.68 -22.27
N LYS B 136 -11.48 0.24 -22.20
CA LYS B 136 -10.59 0.66 -21.13
C LYS B 136 -10.47 2.19 -21.07
N ARG B 137 -10.25 2.82 -22.21
CA ARG B 137 -10.13 4.29 -22.30
C ARG B 137 -11.42 4.95 -21.77
N LEU B 138 -12.57 4.46 -22.26
CA LEU B 138 -13.88 5.01 -21.87
C LEU B 138 -14.11 4.96 -20.36
N ILE B 139 -13.75 3.83 -19.75
CA ILE B 139 -13.98 3.66 -18.32
C ILE B 139 -12.96 4.47 -17.48
N GLU B 140 -11.68 4.35 -17.81
CA GLU B 140 -10.62 5.06 -17.07
CA GLU B 140 -10.66 5.04 -17.01
C GLU B 140 -10.80 6.56 -17.09
N ALA B 141 -11.36 7.07 -18.19
CA ALA B 141 -11.51 8.50 -18.37
C ALA B 141 -12.52 9.08 -17.39
N THR B 142 -13.44 8.27 -16.90
CA THR B 142 -14.59 8.78 -16.14
C THR B 142 -14.81 8.15 -14.77
N GLN B 143 -14.23 6.97 -14.55
CA GLN B 143 -14.47 6.15 -13.35
C GLN B 143 -14.36 6.91 -12.02
N PHE B 144 -13.35 7.76 -11.90
CA PHE B 144 -13.10 8.52 -10.67
C PHE B 144 -14.23 9.48 -10.28
N SER B 145 -15.10 9.83 -11.23
CA SER B 145 -16.19 10.76 -10.93
C SER B 145 -17.51 10.10 -10.50
N MET B 146 -17.55 8.77 -10.42
CA MET B 146 -18.74 8.06 -9.94
C MET B 146 -18.91 8.32 -8.45
N ALA B 147 -20.17 8.42 -8.01
CA ALA B 147 -20.45 8.50 -6.58
C ALA B 147 -20.20 7.15 -5.89
N HIS B 148 -19.93 7.21 -4.58
CA HIS B 148 -19.82 6.04 -3.70
C HIS B 148 -20.96 6.13 -2.67
N GLN B 149 -21.78 5.09 -2.58
CA GLN B 149 -22.84 4.98 -1.56
C GLN B 149 -23.72 6.23 -1.35
N ASP B 150 -23.98 6.98 -2.42
CA ASP B 150 -24.89 8.11 -2.33
C ASP B 150 -26.33 7.62 -2.24
N VAL B 151 -27.17 8.33 -1.48
CA VAL B 151 -28.60 8.04 -1.41
C VAL B 151 -29.25 8.07 -2.81
N ARG B 152 -28.73 8.93 -3.67
CA ARG B 152 -29.13 8.96 -5.07
C ARG B 152 -28.43 7.78 -5.73
N TYR B 153 -29.07 6.61 -5.59
CA TYR B 153 -28.47 5.31 -5.92
C TYR B 153 -28.03 5.19 -7.38
N TYR B 154 -28.70 5.91 -8.26
CA TYR B 154 -28.41 5.91 -9.70
C TYR B 154 -27.08 6.60 -10.05
N LEU B 155 -26.49 7.30 -9.08
CA LEU B 155 -25.17 7.91 -9.26
C LEU B 155 -24.01 6.97 -8.89
N ASN B 156 -24.33 5.86 -8.20
CA ASN B 156 -23.32 4.90 -7.78
C ASN B 156 -23.00 3.92 -8.90
N GLY B 157 -22.56 4.47 -10.03
CA GLY B 157 -22.38 3.69 -11.24
C GLY B 157 -22.01 4.60 -12.39
N MET B 158 -22.05 4.05 -13.59
CA MET B 158 -21.59 4.76 -14.78
C MET B 158 -22.63 4.62 -15.87
N LEU B 159 -22.99 5.74 -16.52
CA LEU B 159 -23.85 5.70 -17.71
C LEU B 159 -23.07 5.20 -18.93
N PHE B 160 -23.63 4.21 -19.62
CA PHE B 160 -23.16 3.78 -20.92
C PHE B 160 -24.23 4.13 -21.92
N GLU B 161 -23.87 4.94 -22.90
CA GLU B 161 -24.81 5.47 -23.85
C GLU B 161 -24.30 5.24 -25.26
N THR B 162 -25.19 4.73 -26.11
CA THR B 162 -24.91 4.56 -27.52
C THR B 162 -25.66 5.63 -28.31
N GLU B 163 -24.99 6.23 -29.28
CA GLU B 163 -25.60 7.24 -30.14
C GLU B 163 -24.83 7.31 -31.45
N GLY B 164 -25.55 7.15 -32.55
CA GLY B 164 -24.93 7.10 -33.87
C GLY B 164 -23.95 5.95 -33.93
N GLU B 165 -22.68 6.27 -34.14
CA GLU B 165 -21.64 5.25 -34.15
C GLU B 165 -20.72 5.35 -32.95
N GLU B 166 -21.13 6.07 -31.92
CA GLU B 166 -20.25 6.17 -30.77
C GLU B 166 -20.81 5.61 -29.47
N LEU B 167 -19.89 5.19 -28.62
CA LEU B 167 -20.21 4.76 -27.27
C LEU B 167 -19.65 5.84 -26.35
N ARG B 168 -20.44 6.18 -25.35
CA ARG B 168 -20.08 7.23 -24.41
C ARG B 168 -20.28 6.74 -22.97
N THR B 169 -19.35 7.12 -22.10
CA THR B 169 -19.52 6.90 -20.66
C THR B 169 -19.69 8.25 -19.98
N VAL B 170 -20.53 8.27 -18.94
CA VAL B 170 -20.73 9.47 -18.15
C VAL B 170 -20.71 9.06 -16.68
N ALA B 171 -20.02 9.85 -15.86
CA ALA B 171 -20.03 9.63 -14.42
C ALA B 171 -20.11 10.96 -13.68
N THR B 172 -20.89 10.96 -12.61
CA THR B 172 -21.02 12.15 -11.77
C THR B 172 -21.40 11.76 -10.32
N ASP B 173 -20.91 12.54 -9.36
CA ASP B 173 -21.28 12.32 -7.98
C ASP B 173 -22.26 13.40 -7.52
N GLY B 174 -22.77 14.15 -8.49
CA GLY B 174 -23.70 15.24 -8.23
C GLY B 174 -22.96 16.54 -7.97
N HIS B 175 -21.63 16.49 -8.05
CA HIS B 175 -20.81 17.69 -7.84
C HIS B 175 -19.90 17.96 -9.02
N ARG B 176 -19.13 16.96 -9.43
CA ARG B 176 -18.31 17.07 -10.64
C ARG B 176 -18.68 15.95 -11.62
N LEU B 177 -18.39 16.18 -12.89
CA LEU B 177 -18.84 15.28 -13.95
C LEU B 177 -17.69 14.94 -14.88
N ALA B 178 -17.67 13.70 -15.36
CA ALA B 178 -16.75 13.27 -16.40
C ALA B 178 -17.53 12.62 -17.54
N VAL B 179 -17.16 12.94 -18.78
CA VAL B 179 -17.78 12.33 -19.96
C VAL B 179 -16.69 11.95 -20.98
N CYS B 180 -16.82 10.76 -21.57
CA CYS B 180 -15.89 10.35 -22.62
C CYS B 180 -16.67 9.68 -23.74
N SER B 181 -16.38 10.07 -24.98
CA SER B 181 -17.06 9.53 -26.16
C SER B 181 -16.05 9.04 -27.19
N MET B 182 -16.30 7.86 -27.74
CA MET B 182 -15.40 7.21 -28.71
CA MET B 182 -15.43 7.29 -28.74
C MET B 182 -16.21 6.60 -29.84
N PRO B 183 -15.82 6.86 -31.11
CA PRO B 183 -16.50 6.19 -32.23
C PRO B 183 -16.10 4.72 -32.28
N ILE B 184 -17.07 3.84 -32.50
CA ILE B 184 -16.76 2.41 -32.55
C ILE B 184 -17.07 1.73 -33.90
N GLY B 185 -17.40 2.53 -34.91
CA GLY B 185 -17.54 2.03 -36.28
C GLY B 185 -18.67 1.05 -36.49
N GLN B 186 -19.77 1.25 -35.78
CA GLN B 186 -21.00 0.48 -35.97
C GLN B 186 -22.16 1.39 -35.70
N SER B 187 -23.19 1.28 -36.53
CA SER B 187 -24.40 2.04 -36.35
C SER B 187 -25.20 1.48 -35.17
N LEU B 188 -25.48 2.33 -34.19
CA LEU B 188 -26.09 1.87 -32.94
C LEU B 188 -27.44 2.52 -32.72
N PRO B 189 -28.35 1.82 -32.02
CA PRO B 189 -29.58 2.47 -31.58
C PRO B 189 -29.22 3.50 -30.51
N SER B 190 -30.07 4.50 -30.34
CA SER B 190 -29.89 5.45 -29.26
C SER B 190 -30.40 4.80 -27.99
N HIS B 191 -29.51 4.60 -27.03
CA HIS B 191 -29.84 3.85 -25.83
C HIS B 191 -28.89 4.21 -24.69
N SER B 192 -29.35 4.07 -23.46
CA SER B 192 -28.42 4.23 -22.34
C SER B 192 -28.83 3.40 -21.14
N VAL B 193 -27.82 2.96 -20.39
CA VAL B 193 -28.03 2.14 -19.21
C VAL B 193 -27.09 2.58 -18.11
N ILE B 194 -27.39 2.22 -16.85
CA ILE B 194 -26.48 2.51 -15.74
C ILE B 194 -25.87 1.20 -15.23
N VAL B 195 -24.54 1.14 -15.24
CA VAL B 195 -23.81 -0.02 -14.72
C VAL B 195 -23.38 0.27 -13.29
N PRO B 196 -23.67 -0.65 -12.34
CA PRO B 196 -23.28 -0.43 -10.94
C PRO B 196 -21.79 -0.26 -10.81
N ARG B 197 -21.37 0.58 -9.89
CA ARG B 197 -19.95 0.87 -9.74
C ARG B 197 -19.07 -0.38 -9.55
N LYS B 198 -19.52 -1.33 -8.72
CA LYS B 198 -18.78 -2.59 -8.58
C LYS B 198 -18.65 -3.33 -9.93
N GLY B 199 -19.70 -3.24 -10.73
CA GLY B 199 -19.72 -3.82 -12.07
C GLY B 199 -18.71 -3.17 -13.01
N VAL B 200 -18.65 -1.83 -12.97
CA VAL B 200 -17.65 -1.06 -13.74
C VAL B 200 -16.22 -1.51 -13.40
N ILE B 201 -15.93 -1.58 -12.11
CA ILE B 201 -14.61 -2.01 -11.63
C ILE B 201 -14.26 -3.44 -12.10
N GLU B 202 -15.23 -4.36 -11.99
CA GLU B 202 -14.98 -5.74 -12.40
C GLU B 202 -14.77 -5.84 -13.92
N LEU B 203 -15.63 -5.16 -14.68
CA LEU B 203 -15.46 -5.06 -16.14
C LEU B 203 -14.06 -4.56 -16.50
N MET B 204 -13.66 -3.46 -15.87
CA MET B 204 -12.35 -2.86 -16.08
C MET B 204 -11.21 -3.86 -15.86
N ARG B 205 -11.34 -4.64 -14.77
CA ARG B 205 -10.33 -5.62 -14.37
C ARG B 205 -10.27 -6.82 -15.32
N MET B 206 -11.34 -7.06 -16.08
CA MET B 206 -11.41 -8.18 -17.01
CA MET B 206 -11.38 -8.18 -17.01
C MET B 206 -10.68 -7.86 -18.33
N LEU B 207 -10.38 -6.59 -18.56
CA LEU B 207 -9.73 -6.15 -19.79
C LEU B 207 -8.22 -6.21 -19.59
N ASP B 208 -7.58 -7.10 -20.36
CA ASP B 208 -6.23 -7.54 -20.05
C ASP B 208 -5.15 -6.85 -20.85
N GLY B 209 -5.54 -5.88 -21.67
CA GLY B 209 -4.61 -5.15 -22.54
C GLY B 209 -4.34 -5.78 -23.89
N GLY B 210 -5.05 -6.86 -24.22
CA GLY B 210 -4.73 -7.69 -25.39
C GLY B 210 -5.53 -7.48 -26.67
N ASP B 211 -5.36 -8.42 -27.60
CA ASP B 211 -5.95 -8.34 -28.93
C ASP B 211 -7.31 -9.01 -29.09
N ASN B 212 -7.81 -9.67 -28.05
CA ASN B 212 -9.18 -10.21 -28.09
C ASN B 212 -10.20 -9.08 -28.17
N PRO B 213 -11.15 -9.16 -29.12
CA PRO B 213 -12.20 -8.12 -29.16
C PRO B 213 -13.18 -8.27 -28.00
N LEU B 214 -13.78 -7.16 -27.57
CA LEU B 214 -14.80 -7.18 -26.54
C LEU B 214 -16.20 -7.13 -27.15
N ARG B 215 -17.04 -8.10 -26.81
CA ARG B 215 -18.42 -8.12 -27.28
C ARG B 215 -19.34 -7.74 -26.14
N VAL B 216 -20.16 -6.71 -26.37
CA VAL B 216 -21.08 -6.21 -25.35
C VAL B 216 -22.52 -6.52 -25.73
N GLN B 217 -23.28 -7.05 -24.78
CA GLN B 217 -24.70 -7.33 -25.00
C GLN B 217 -25.48 -6.65 -23.89
N ILE B 218 -26.43 -5.81 -24.28
CA ILE B 218 -27.22 -5.04 -23.31
C ILE B 218 -28.68 -5.48 -23.40
N GLY B 219 -29.22 -5.87 -22.24
CA GLY B 219 -30.64 -6.21 -22.13
C GLY B 219 -31.38 -5.12 -21.38
N SER B 220 -32.66 -5.34 -21.10
CA SER B 220 -33.44 -4.30 -20.39
C SER B 220 -32.93 -4.06 -18.96
N ASN B 221 -32.43 -5.11 -18.32
CA ASN B 221 -32.03 -5.06 -16.91
C ASN B 221 -30.65 -5.64 -16.65
N ASN B 222 -29.92 -5.98 -17.72
CA ASN B 222 -28.62 -6.64 -17.59
C ASN B 222 -27.64 -6.16 -18.65
N ILE B 223 -26.36 -6.33 -18.36
CA ILE B 223 -25.31 -6.10 -19.34
C ILE B 223 -24.35 -7.29 -19.29
N ARG B 224 -23.80 -7.64 -20.44
CA ARG B 224 -22.85 -8.74 -20.52
C ARG B 224 -21.68 -8.31 -21.36
N ALA B 225 -20.47 -8.66 -20.92
CA ALA B 225 -19.27 -8.39 -21.69
C ALA B 225 -18.48 -9.69 -21.86
N HIS B 226 -18.16 -10.00 -23.13
CA HIS B 226 -17.47 -11.21 -23.57
CA HIS B 226 -17.42 -11.19 -23.44
C HIS B 226 -16.08 -10.86 -24.11
N VAL B 227 -15.00 -11.32 -23.47
CA VAL B 227 -13.64 -11.17 -24.02
C VAL B 227 -12.93 -12.51 -23.88
N GLY B 228 -12.53 -13.09 -25.00
CA GLY B 228 -11.76 -14.33 -25.00
C GLY B 228 -12.42 -15.39 -24.15
N ASP B 229 -11.72 -15.85 -23.11
CA ASP B 229 -12.20 -16.92 -22.23
C ASP B 229 -13.09 -16.48 -21.08
N PHE B 230 -13.47 -15.20 -21.04
CA PHE B 230 -14.18 -14.66 -19.88
C PHE B 230 -15.52 -14.06 -20.25
N ILE B 231 -16.53 -14.30 -19.41
CA ILE B 231 -17.85 -13.71 -19.62
C ILE B 231 -18.34 -13.06 -18.33
N PHE B 232 -18.53 -11.75 -18.39
CA PHE B 232 -19.04 -10.97 -17.26
C PHE B 232 -20.50 -10.58 -17.47
N THR B 233 -21.35 -10.76 -16.45
CA THR B 233 -22.76 -10.38 -16.53
C THR B 233 -23.11 -9.63 -15.25
N SER B 234 -23.82 -8.51 -15.40
CA SER B 234 -24.25 -7.70 -14.26
C SER B 234 -25.67 -7.20 -14.45
N LYS B 235 -26.39 -7.07 -13.33
CA LYS B 235 -27.62 -6.29 -13.31
C LYS B 235 -27.29 -4.83 -13.59
N LEU B 236 -28.24 -4.14 -14.20
CA LEU B 236 -28.14 -2.69 -14.35
C LEU B 236 -28.78 -2.00 -13.15
N VAL B 237 -28.41 -0.74 -12.94
CA VAL B 237 -29.08 0.07 -11.92
C VAL B 237 -30.38 0.58 -12.53
N ASP B 238 -31.50 0.23 -11.92
CA ASP B 238 -32.80 0.63 -12.43
C ASP B 238 -33.17 2.02 -11.92
N GLY B 239 -32.80 3.05 -12.68
CA GLY B 239 -33.08 4.44 -12.32
C GLY B 239 -32.81 5.39 -13.47
N ARG B 240 -33.03 6.68 -13.24
CA ARG B 240 -32.78 7.70 -14.26
C ARG B 240 -31.47 8.40 -13.97
N PHE B 241 -30.63 8.57 -14.99
CA PHE B 241 -29.36 9.28 -14.86
C PHE B 241 -29.51 10.75 -15.27
N PRO B 242 -28.77 11.67 -14.63
CA PRO B 242 -28.73 13.08 -15.07
C PRO B 242 -28.25 13.23 -16.52
N ASP B 243 -28.73 14.27 -17.22
CA ASP B 243 -28.34 14.55 -18.60
C ASP B 243 -27.07 15.41 -18.67
N TYR B 244 -25.99 14.83 -19.19
CA TYR B 244 -24.67 15.49 -19.18
C TYR B 244 -24.67 16.76 -20.04
N ARG B 245 -25.59 16.82 -21.01
CA ARG B 245 -25.68 17.95 -21.92
C ARG B 245 -26.06 19.23 -21.19
N ARG B 246 -26.81 19.10 -20.10
CA ARG B 246 -27.28 20.26 -19.34
C ARG B 246 -26.21 20.78 -18.37
N VAL B 247 -25.19 19.95 -18.12
CA VAL B 247 -24.12 20.25 -17.17
C VAL B 247 -22.93 20.95 -17.86
N LEU B 248 -22.65 20.57 -19.10
CA LEU B 248 -21.60 21.22 -19.89
C LEU B 248 -21.93 22.71 -20.06
N PRO B 249 -20.95 23.61 -19.84
CA PRO B 249 -21.21 25.04 -20.04
C PRO B 249 -21.60 25.37 -21.49
N LYS B 250 -22.50 26.32 -21.68
CA LYS B 250 -23.08 26.66 -22.99
C LYS B 250 -22.07 27.08 -24.07
N ASN B 251 -21.44 28.24 -23.90
CA ASN B 251 -20.45 28.71 -24.86
C ASN B 251 -19.22 29.26 -24.13
N PRO B 252 -18.34 28.37 -23.64
CA PRO B 252 -17.14 28.85 -22.93
C PRO B 252 -16.11 29.47 -23.87
N ASP B 253 -16.09 30.80 -23.97
CA ASP B 253 -15.29 31.48 -24.99
C ASP B 253 -13.91 31.94 -24.51
N LYS B 254 -13.49 31.48 -23.33
CA LYS B 254 -12.19 31.87 -22.77
C LYS B 254 -11.30 30.65 -22.50
N HIS B 255 -10.44 30.33 -23.46
CA HIS B 255 -9.62 29.12 -23.35
C HIS B 255 -8.22 29.39 -22.82
N LEU B 256 -7.91 28.79 -21.68
CA LEU B 256 -6.56 28.77 -21.15
C LEU B 256 -5.92 27.42 -21.50
N GLU B 257 -4.71 27.47 -22.05
CA GLU B 257 -3.92 26.27 -22.33
CA GLU B 257 -3.92 26.26 -22.32
C GLU B 257 -2.59 26.30 -21.57
N ALA B 258 -2.25 25.19 -20.92
CA ALA B 258 -1.01 25.06 -20.17
C ALA B 258 -0.55 23.61 -20.13
N GLY B 259 0.74 23.42 -19.87
CA GLY B 259 1.29 22.09 -19.66
C GLY B 259 0.55 21.41 -18.52
N CYS B 260 0.16 20.16 -18.74
CA CYS B 260 -0.61 19.43 -17.73
C CYS B 260 0.15 19.32 -16.40
N ASP B 261 1.41 18.88 -16.46
CA ASP B 261 2.15 18.64 -15.23
C ASP B 261 2.47 19.92 -14.45
N LEU B 262 2.85 20.98 -15.18
CA LEU B 262 3.12 22.27 -14.54
C LEU B 262 1.87 22.81 -13.84
N LEU B 263 0.73 22.68 -14.51
CA LEU B 263 -0.53 23.11 -13.96
C LEU B 263 -0.88 22.30 -12.70
N LYS B 264 -0.75 20.99 -12.82
CA LYS B 264 -1.01 20.06 -11.72
C LYS B 264 -0.13 20.34 -10.49
N GLN B 265 1.17 20.51 -10.72
CA GLN B 265 2.11 20.76 -9.60
C GLN B 265 1.82 22.10 -8.92
N ALA B 266 1.47 23.11 -9.71
CA ALA B 266 1.05 24.41 -9.16
C ALA B 266 -0.20 24.27 -8.27
N PHE B 267 -1.22 23.57 -8.77
CA PHE B 267 -2.43 23.33 -7.98
C PHE B 267 -2.15 22.50 -6.73
N ALA B 268 -1.29 21.49 -6.86
CA ALA B 268 -0.94 20.60 -5.75
C ALA B 268 -0.25 21.33 -4.59
N ARG B 269 0.64 22.25 -4.92
CA ARG B 269 1.31 23.07 -3.88
C ARG B 269 0.31 24.03 -3.23
N ALA B 270 -0.47 24.72 -4.05
CA ALA B 270 -1.47 25.67 -3.54
C ALA B 270 -2.47 24.97 -2.60
N ALA B 271 -2.89 23.76 -2.98
CA ALA B 271 -3.85 22.96 -2.20
C ALA B 271 -3.42 22.73 -0.75
N ILE B 272 -2.11 22.67 -0.52
CA ILE B 272 -1.57 22.49 0.84
C ILE B 272 -2.12 23.53 1.82
N LEU B 273 -2.39 24.74 1.35
CA LEU B 273 -2.85 25.80 2.25
C LEU B 273 -4.30 26.19 1.96
N SER B 274 -5.05 25.27 1.36
CA SER B 274 -6.47 25.45 1.15
C SER B 274 -7.22 24.88 2.34
N ASN B 275 -8.50 25.26 2.44
CA ASN B 275 -9.40 24.70 3.44
C ASN B 275 -9.50 23.17 3.33
N GLU B 276 -9.23 22.48 4.43
CA GLU B 276 -9.18 21.01 4.44
C GLU B 276 -10.49 20.34 4.04
N LYS B 277 -11.60 21.00 4.33
CA LYS B 277 -12.95 20.48 4.09
C LYS B 277 -13.47 20.87 2.70
N PHE B 278 -13.33 22.15 2.33
CA PHE B 278 -13.97 22.65 1.12
C PHE B 278 -13.02 22.90 -0.04
N ARG B 279 -11.73 22.99 0.26
CA ARG B 279 -10.65 22.88 -0.75
C ARG B 279 -10.67 23.95 -1.85
N GLY B 280 -11.24 25.11 -1.54
CA GLY B 280 -11.38 26.18 -2.53
C GLY B 280 -10.07 26.89 -2.84
N VAL B 281 -9.77 27.02 -4.13
CA VAL B 281 -8.66 27.84 -4.63
C VAL B 281 -9.20 28.85 -5.65
N ARG B 282 -8.55 30.01 -5.73
CA ARG B 282 -8.97 31.07 -6.66
C ARG B 282 -8.00 31.15 -7.83
N LEU B 283 -8.55 31.34 -9.02
CA LEU B 283 -7.75 31.60 -10.23
C LEU B 283 -7.94 33.05 -10.66
N TYR B 284 -6.85 33.69 -11.05
CA TYR B 284 -6.88 34.99 -11.69
C TYR B 284 -6.21 34.85 -13.06
N VAL B 285 -7.00 34.96 -14.12
CA VAL B 285 -6.44 34.80 -15.45
C VAL B 285 -6.25 36.15 -16.14
N SER B 286 -5.07 36.36 -16.73
CA SER B 286 -4.76 37.55 -17.53
C SER B 286 -3.94 37.13 -18.76
N GLU B 287 -3.54 38.09 -19.60
CA GLU B 287 -2.81 37.79 -20.84
CA GLU B 287 -2.83 37.78 -20.84
C GLU B 287 -1.62 36.87 -20.58
N ASN B 288 -1.71 35.65 -21.12
CA ASN B 288 -0.69 34.62 -20.97
C ASN B 288 -0.19 34.35 -19.55
N GLN B 289 -1.04 34.61 -18.56
CA GLN B 289 -0.66 34.38 -17.18
C GLN B 289 -1.79 33.83 -16.33
N LEU B 290 -1.44 32.89 -15.46
CA LEU B 290 -2.37 32.37 -14.45
C LEU B 290 -1.79 32.60 -13.08
N LYS B 291 -2.61 33.12 -12.17
CA LYS B 291 -2.26 33.15 -10.75
C LYS B 291 -3.27 32.32 -9.96
N ILE B 292 -2.77 31.42 -9.12
CA ILE B 292 -3.61 30.61 -8.25
C ILE B 292 -3.32 30.99 -6.81
N THR B 293 -4.38 31.25 -6.04
CA THR B 293 -4.20 31.51 -4.60
C THR B 293 -5.01 30.50 -3.77
N ALA B 294 -4.54 30.25 -2.55
CA ALA B 294 -5.28 29.46 -1.59
C ALA B 294 -5.09 30.07 -0.21
N ASN B 295 -6.12 30.00 0.60
CA ASN B 295 -5.96 30.29 2.02
C ASN B 295 -6.86 29.40 2.88
N ASN B 296 -6.51 29.28 4.15
CA ASN B 296 -7.25 28.41 5.06
C ASN B 296 -7.70 29.19 6.30
N PRO B 297 -8.46 28.54 7.20
CA PRO B 297 -8.95 29.27 8.37
C PRO B 297 -7.86 29.77 9.32
N GLU B 298 -6.67 29.18 9.27
CA GLU B 298 -5.52 29.68 10.04
C GLU B 298 -4.87 30.89 9.38
N GLN B 299 -5.47 31.34 8.27
CA GLN B 299 -5.00 32.51 7.52
C GLN B 299 -3.62 32.31 6.89
N GLU B 300 -3.25 31.06 6.65
CA GLU B 300 -2.05 30.74 5.87
C GLU B 300 -2.41 30.93 4.40
N GLU B 301 -1.41 31.24 3.57
CA GLU B 301 -1.67 31.66 2.18
C GLU B 301 -0.65 31.09 1.19
N ALA B 302 -1.14 30.59 0.07
CA ALA B 302 -0.31 30.11 -1.03
C ALA B 302 -0.60 30.93 -2.28
N GLU B 303 0.44 31.17 -3.09
CA GLU B 303 0.26 31.83 -4.38
C GLU B 303 1.17 31.18 -5.41
N GLU B 304 0.62 30.92 -6.59
CA GLU B 304 1.37 30.35 -7.70
C GLU B 304 1.12 31.21 -8.93
N ILE B 305 2.19 31.62 -9.60
CA ILE B 305 2.05 32.33 -10.88
C ILE B 305 2.77 31.50 -11.93
N LEU B 306 2.10 31.28 -13.06
CA LEU B 306 2.72 30.54 -14.16
C LEU B 306 2.35 31.11 -15.52
N ASP B 307 3.26 30.96 -16.47
CA ASP B 307 2.99 31.28 -17.87
C ASP B 307 2.02 30.27 -18.45
N VAL B 308 1.00 30.77 -19.14
CA VAL B 308 0.04 29.94 -19.84
C VAL B 308 -0.25 30.60 -21.19
N THR B 309 -1.05 29.95 -22.02
CA THR B 309 -1.61 30.59 -23.21
C THR B 309 -3.02 31.06 -22.91
N TYR B 310 -3.21 32.37 -22.91
CA TYR B 310 -4.52 32.96 -22.68
C TYR B 310 -4.60 34.38 -23.25
N SER B 311 -5.68 34.65 -23.98
CA SER B 311 -5.85 35.96 -24.61
C SER B 311 -7.24 36.54 -24.37
N GLY B 312 -8.10 35.82 -23.64
CA GLY B 312 -9.45 36.31 -23.31
C GLY B 312 -9.47 37.49 -22.34
N ALA B 313 -10.68 37.93 -21.97
CA ALA B 313 -10.82 38.97 -20.96
C ALA B 313 -10.30 38.50 -19.61
N GLU B 314 -9.85 39.45 -18.80
CA GLU B 314 -9.39 39.13 -17.46
C GLU B 314 -10.58 38.67 -16.64
N MET B 315 -10.40 37.60 -15.88
CA MET B 315 -11.45 37.13 -14.97
C MET B 315 -10.88 36.37 -13.79
N GLU B 316 -11.73 36.16 -12.79
CA GLU B 316 -11.38 35.40 -11.61
C GLU B 316 -12.42 34.30 -11.47
N ILE B 317 -12.02 33.17 -10.89
CA ILE B 317 -12.93 32.07 -10.64
C ILE B 317 -12.35 31.15 -9.57
N GLY B 318 -13.20 30.66 -8.67
CA GLY B 318 -12.78 29.68 -7.69
C GLY B 318 -13.29 28.29 -7.99
N PHE B 319 -12.54 27.28 -7.58
CA PHE B 319 -12.90 25.86 -7.74
CA PHE B 319 -13.07 25.92 -7.59
C PHE B 319 -12.43 25.02 -6.55
N ASN B 320 -13.07 23.87 -6.36
CA ASN B 320 -12.57 22.83 -5.45
C ASN B 320 -11.31 22.23 -6.09
N VAL B 321 -10.16 22.42 -5.44
CA VAL B 321 -8.86 21.97 -5.99
C VAL B 321 -8.69 20.44 -6.07
N SER B 322 -9.36 19.72 -5.18
CA SER B 322 -9.37 18.25 -5.22
C SER B 322 -10.01 17.76 -6.51
N TYR B 323 -11.11 18.40 -6.90
CA TYR B 323 -11.80 18.02 -8.14
C TYR B 323 -10.95 18.31 -9.37
N VAL B 324 -10.27 19.45 -9.36
CA VAL B 324 -9.38 19.83 -10.47
C VAL B 324 -8.18 18.91 -10.57
N LEU B 325 -7.56 18.60 -9.42
CA LEU B 325 -6.42 17.68 -9.38
C LEU B 325 -6.82 16.27 -9.85
N ASP B 326 -8.03 15.83 -9.50
CA ASP B 326 -8.57 14.54 -9.98
C ASP B 326 -8.60 14.49 -11.50
N VAL B 327 -9.11 15.57 -12.10
CA VAL B 327 -9.15 15.74 -13.56
C VAL B 327 -7.75 15.70 -14.16
N LEU B 328 -6.83 16.51 -13.62
CA LEU B 328 -5.48 16.60 -14.18
C LEU B 328 -4.72 15.29 -14.08
N ASN B 329 -4.95 14.54 -13.01
CA ASN B 329 -4.37 13.19 -12.87
C ASN B 329 -4.99 12.16 -13.83
N ALA B 330 -6.28 12.27 -14.07
CA ALA B 330 -6.97 11.41 -15.04
C ALA B 330 -6.49 11.65 -16.47
N LEU B 331 -6.20 12.91 -16.79
CA LEU B 331 -5.83 13.29 -18.16
C LEU B 331 -4.48 12.72 -18.63
N LYS B 332 -3.46 12.70 -17.75
CA LYS B 332 -2.15 12.11 -18.09
C LYS B 332 -1.66 12.51 -19.50
N CYS B 333 -1.77 13.78 -19.83
CA CYS B 333 -1.37 14.24 -21.16
C CYS B 333 -0.33 15.33 -21.10
N GLU B 334 0.00 15.88 -22.26
CA GLU B 334 1.03 16.90 -22.36
C GLU B 334 0.47 18.28 -22.04
N ASN B 335 -0.69 18.59 -22.62
CA ASN B 335 -1.30 19.91 -22.47
C ASN B 335 -2.78 19.85 -22.19
N VAL B 336 -3.25 20.81 -21.39
CA VAL B 336 -4.64 20.85 -20.94
CA VAL B 336 -4.64 20.85 -20.98
C VAL B 336 -5.29 22.16 -21.41
N ARG B 337 -6.58 22.08 -21.71
CA ARG B 337 -7.41 23.22 -22.06
C ARG B 337 -8.42 23.42 -20.93
N MET B 338 -8.43 24.62 -20.33
CA MET B 338 -9.47 24.99 -19.36
C MET B 338 -10.40 26.00 -20.03
N MET B 339 -11.64 25.57 -20.24
CA MET B 339 -12.63 26.36 -20.97
C MET B 339 -13.50 27.14 -20.01
N LEU B 340 -13.29 28.46 -20.01
CA LEU B 340 -13.88 29.35 -19.01
C LEU B 340 -14.97 30.27 -19.58
N THR B 341 -15.86 30.73 -18.70
CA THR B 341 -16.92 31.65 -19.07
C THR B 341 -16.87 32.92 -18.20
N ASP B 342 -17.07 32.73 -16.89
CA ASP B 342 -17.04 33.83 -15.92
C ASP B 342 -16.97 33.25 -14.51
N SER B 343 -16.98 34.13 -13.51
CA SER B 343 -16.82 33.74 -12.11
C SER B 343 -18.00 32.96 -11.54
N VAL B 344 -19.13 32.99 -12.24
CA VAL B 344 -20.35 32.37 -11.72
C VAL B 344 -20.78 31.14 -12.54
N SER B 345 -19.87 30.66 -13.39
CA SER B 345 -20.14 29.52 -14.26
C SER B 345 -19.12 28.38 -14.06
N SER B 346 -19.52 27.18 -14.48
CA SER B 346 -18.66 26.01 -14.41
C SER B 346 -17.49 26.15 -15.36
N VAL B 347 -16.49 25.29 -15.17
CA VAL B 347 -15.37 25.18 -16.10
C VAL B 347 -15.40 23.81 -16.75
N GLN B 348 -15.05 23.76 -18.03
CA GLN B 348 -14.88 22.50 -18.73
C GLN B 348 -13.39 22.31 -18.99
N ILE B 349 -12.87 21.13 -18.67
CA ILE B 349 -11.44 20.85 -18.81
C ILE B 349 -11.26 19.68 -19.76
N GLU B 350 -10.28 19.80 -20.66
CA GLU B 350 -10.01 18.78 -21.66
C GLU B 350 -8.52 18.63 -21.88
N ASP B 351 -8.12 17.49 -22.44
CA ASP B 351 -6.82 17.37 -23.07
C ASP B 351 -6.82 18.42 -24.19
N ALA B 352 -5.82 19.29 -24.21
CA ALA B 352 -5.78 20.33 -25.25
C ALA B 352 -5.81 19.72 -26.66
N ALA B 353 -5.34 18.48 -26.78
CA ALA B 353 -5.22 17.80 -28.07
C ALA B 353 -6.43 16.96 -28.46
N SER B 354 -7.41 16.81 -27.56
CA SER B 354 -8.55 15.93 -27.84
C SER B 354 -9.85 16.37 -27.15
N GLN B 355 -10.95 16.34 -27.92
CA GLN B 355 -12.27 16.65 -27.38
C GLN B 355 -13.01 15.39 -26.89
N SER B 356 -12.32 14.25 -26.86
CA SER B 356 -12.96 12.97 -26.55
C SER B 356 -13.44 12.85 -25.10
N ALA B 357 -12.66 13.37 -24.17
CA ALA B 357 -13.05 13.42 -22.76
C ALA B 357 -13.21 14.86 -22.30
N ALA B 358 -14.23 15.13 -21.50
CA ALA B 358 -14.45 16.46 -20.96
C ALA B 358 -14.87 16.34 -19.51
N TYR B 359 -14.47 17.33 -18.72
CA TYR B 359 -14.70 17.29 -17.28
C TYR B 359 -15.26 18.62 -16.89
N VAL B 360 -16.25 18.60 -16.00
CA VAL B 360 -16.91 19.83 -15.57
C VAL B 360 -16.80 19.97 -14.05
N VAL B 361 -16.36 21.14 -13.61
CA VAL B 361 -16.20 21.44 -12.21
C VAL B 361 -16.98 22.73 -11.97
N MET B 362 -17.71 22.77 -10.86
CA MET B 362 -18.56 23.91 -10.48
CA MET B 362 -18.54 23.93 -10.58
C MET B 362 -17.74 25.10 -9.99
N PRO B 363 -18.27 26.33 -10.13
CA PRO B 363 -17.54 27.47 -9.58
C PRO B 363 -17.74 27.59 -8.06
N MET B 364 -16.71 28.07 -7.37
CA MET B 364 -16.84 28.42 -5.95
C MET B 364 -16.69 29.91 -5.74
N ARG B 365 -17.54 30.47 -4.90
CA ARG B 365 -17.44 31.85 -4.49
C ARG B 365 -16.62 31.86 -3.19
N LEU B 366 -15.42 32.40 -3.27
CA LEU B 366 -14.50 32.33 -2.14
C LEU B 366 -14.37 33.64 -1.37
N GLN C 2 -0.59 -22.51 23.03
CA GLN C 2 0.68 -21.74 22.95
C GLN C 2 1.40 -21.64 24.29
N LEU C 3 2.65 -22.10 24.32
CA LEU C 3 3.46 -22.04 25.54
C LEU C 3 4.26 -20.73 25.63
N ASP C 4 4.68 -20.38 26.85
CA ASP C 4 5.43 -19.15 27.10
C ASP C 4 6.92 -19.41 27.20
N ALA C 5 7.72 -18.43 26.79
CA ALA C 5 9.18 -18.53 26.79
C ALA C 5 9.81 -18.32 28.17
N PHE C 6 9.15 -17.50 28.99
CA PHE C 6 9.67 -17.07 30.29
C PHE C 6 8.52 -16.56 31.16
#